data_9CT9
#
_entry.id   9CT9
#
_cell.length_a   47.830
_cell.length_b   101.280
_cell.length_c   65.710
_cell.angle_alpha   90.000
_cell.angle_beta   91.270
_cell.angle_gamma   90.000
#
_symmetry.space_group_name_H-M   'P 1 21 1'
#
loop_
_entity.id
_entity.type
_entity.pdbx_description
1 polymer 'Isoform 2B of GTPase KRas'
2 polymer 'Peptidyl-prolyl cis-trans isomerase A'
3 non-polymer 'PHOSPHOAMINOPHOSPHONIC ACID-GUANYLATE ESTER'
4 non-polymer 'MAGNESIUM ION'
5 non-polymer 'CHLORIDE ION'
6 non-polymer '(2R)-2-{(5S)-7-[(2R)-2-aminopropanoyl]-1-oxo-2,7-diazaspiro[4.4]nonan-2-yl}-2-cyclopentyl-N-[(1M,8S,10S,14R,21M)-22-ethyl-4-hydroxy-21-{2-[(1R)-1-methoxyethyl]pyridin-3-yl}-18,18-dimethyl-9,15-dioxo-16-oxa-10,22,28-triazapentacyclo[18.5.2.1~2,6~.1~10,14~.0~23,27~]nonacosa-1(25),2(29),3,5,20,23,26-heptaen-8-yl]acetamide (non-preferred name)'
7 water water
#
loop_
_entity_poly.entity_id
_entity_poly.type
_entity_poly.pdbx_seq_one_letter_code
_entity_poly.pdbx_strand_id
1 'polypeptide(L)'
;SMTEYKLVVVGADGVGKSALTIQLIQNHFVDEYDPTIEDSYRKQVVIDGETCLLDILDTAGQEEYSAMRDQYMRTGEGFL
CVFAINNTKSFEDIHHYREQIKRVKDSEDVPMVLVGNKCDLPSRTVDTKQAQDLARSYGIPFIETSAKTRQGVDDAFYTL
VREIRKHKEK
;
A,B
2 'polypeptide(L)'
;SMVNPTVFFDIAVDGEPLGRVSFELFADKVPKTAENFRALSTGEKGFGYKGSCFHRIIPGFMCQGGDFTRHNGTGGKSIY
GEKFEDENFILKHTGPGILSMANAGPNTNGSQFFICTAKTEWLDGKHVVFGKVKEGMNIVEAMERFGSRNGKTSKKITIA
DCGQLE
;
D,C
#
# COMPACT_ATOMS: atom_id res chain seq x y z
N SER A 1 -14.48 -20.26 -10.03
CA SER A 1 -14.67 -19.32 -8.94
C SER A 1 -13.35 -19.16 -8.18
N MET A 2 -13.36 -18.31 -7.16
CA MET A 2 -12.18 -18.16 -6.32
C MET A 2 -12.66 -17.95 -4.90
N THR A 3 -11.69 -17.96 -3.97
N THR A 3 -11.71 -18.01 -3.98
CA THR A 3 -11.93 -17.75 -2.55
CA THR A 3 -11.97 -17.64 -2.61
C THR A 3 -10.81 -16.92 -1.97
C THR A 3 -10.99 -16.54 -2.22
N GLU A 4 -11.13 -16.08 -1.00
CA GLU A 4 -10.20 -15.11 -0.43
C GLU A 4 -9.83 -15.58 0.97
N TYR A 5 -8.59 -15.37 1.38
CA TYR A 5 -8.13 -15.77 2.71
C TYR A 5 -7.38 -14.62 3.35
N LYS A 6 -7.74 -14.30 4.59
CA LYS A 6 -7.08 -13.25 5.35
C LYS A 6 -6.00 -13.89 6.21
N LEU A 7 -4.76 -13.76 5.76
CA LEU A 7 -3.59 -14.30 6.46
C LEU A 7 -2.92 -13.18 7.23
N VAL A 8 -2.52 -13.47 8.47
CA VAL A 8 -1.88 -12.47 9.32
C VAL A 8 -0.54 -13.04 9.77
N VAL A 9 0.52 -12.26 9.57
CA VAL A 9 1.87 -12.69 9.92
C VAL A 9 2.24 -12.03 11.24
N VAL A 10 2.54 -12.87 12.25
CA VAL A 10 2.80 -12.40 13.60
C VAL A 10 4.10 -13.02 14.09
N GLY A 11 4.68 -12.42 15.11
CA GLY A 11 5.93 -12.89 15.67
C GLY A 11 6.78 -11.73 16.14
N ALA A 12 7.80 -12.08 16.93
CA ALA A 12 8.67 -11.10 17.56
C ALA A 12 9.38 -10.23 16.51
N ASP A 13 9.82 -9.06 16.92
CA ASP A 13 10.47 -8.18 15.97
C ASP A 13 11.76 -8.80 15.45
N GLY A 14 12.02 -8.60 14.17
CA GLY A 14 13.25 -9.05 13.57
C GLY A 14 13.27 -10.49 13.09
N VAL A 15 12.20 -11.27 13.31
CA VAL A 15 12.25 -12.68 12.97
C VAL A 15 12.16 -12.92 11.47
N GLY A 16 11.71 -11.94 10.69
CA GLY A 16 11.60 -12.07 9.26
C GLY A 16 10.19 -12.08 8.69
N LYS A 17 9.21 -11.54 9.42
CA LYS A 17 7.83 -11.49 8.93
C LYS A 17 7.76 -10.75 7.60
N SER A 18 8.37 -9.57 7.53
CA SER A 18 8.30 -8.78 6.31
C SER A 18 9.12 -9.41 5.20
N ALA A 19 10.32 -9.92 5.53
CA ALA A 19 11.13 -10.55 4.50
C ALA A 19 10.41 -11.74 3.87
N LEU A 20 9.72 -12.53 4.69
CA LEU A 20 8.93 -13.63 4.15
C LEU A 20 7.82 -13.12 3.25
N THR A 21 7.09 -12.09 3.72
CA THR A 21 5.98 -11.55 2.94
C THR A 21 6.47 -10.97 1.63
N ILE A 22 7.60 -10.25 1.66
CA ILE A 22 8.12 -9.62 0.45
CA ILE A 22 8.10 -9.62 0.45
C ILE A 22 8.61 -10.66 -0.54
N GLN A 23 9.19 -11.75 -0.06
CA GLN A 23 9.52 -12.86 -0.95
C GLN A 23 8.27 -13.39 -1.63
N LEU A 24 7.20 -13.59 -0.87
CA LEU A 24 5.96 -14.09 -1.46
C LEU A 24 5.42 -13.13 -2.52
N ILE A 25 5.43 -11.84 -2.23
CA ILE A 25 4.76 -10.85 -3.08
C ILE A 25 5.66 -10.39 -4.22
N GLN A 26 6.93 -10.12 -3.92
CA GLN A 26 7.83 -9.46 -4.86
C GLN A 26 8.99 -10.33 -5.32
N ASN A 27 9.14 -11.53 -4.75
CA ASN A 27 10.17 -12.49 -5.17
C ASN A 27 11.59 -11.94 -5.06
N HIS A 28 11.83 -11.17 -4.00
CA HIS A 28 13.20 -10.74 -3.71
C HIS A 28 13.37 -10.68 -2.20
N PHE A 29 14.62 -10.79 -1.78
CA PHE A 29 14.97 -10.80 -0.37
C PHE A 29 15.42 -9.40 0.04
N VAL A 30 14.74 -8.83 1.02
CA VAL A 30 15.14 -7.55 1.58
C VAL A 30 16.27 -7.81 2.58
N ASP A 31 17.49 -7.39 2.22
CA ASP A 31 18.63 -7.61 3.10
C ASP A 31 18.60 -6.66 4.31
N GLU A 32 18.01 -5.49 4.15
CA GLU A 32 17.99 -4.47 5.19
C GLU A 32 16.79 -4.68 6.10
N TYR A 33 16.88 -4.13 7.31
CA TYR A 33 15.79 -4.15 8.28
C TYR A 33 15.03 -2.83 8.17
N ASP A 34 13.80 -2.89 7.66
CA ASP A 34 12.91 -1.73 7.66
C ASP A 34 11.78 -2.06 8.62
N PRO A 35 11.83 -1.57 9.87
CA PRO A 35 10.85 -2.02 10.88
C PRO A 35 9.43 -1.65 10.50
N THR A 36 8.54 -2.62 10.64
CA THR A 36 7.17 -2.46 10.20
C THR A 36 6.34 -1.71 11.23
N ILE A 37 5.43 -0.86 10.73
CA ILE A 37 4.28 -0.39 11.50
C ILE A 37 3.11 -1.31 11.17
N GLU A 38 2.69 -1.33 9.91
CA GLU A 38 1.65 -2.22 9.41
C GLU A 38 1.60 -2.10 7.90
N ASP A 39 1.48 -3.22 7.20
CA ASP A 39 1.36 -3.21 5.75
C ASP A 39 0.48 -4.37 5.32
N SER A 40 -0.26 -4.15 4.23
CA SER A 40 -1.15 -5.17 3.68
C SER A 40 -0.81 -5.40 2.22
N TYR A 41 -0.87 -6.66 1.81
CA TYR A 41 -0.55 -7.08 0.46
C TYR A 41 -1.62 -8.03 -0.05
N ARG A 42 -1.70 -8.19 -1.37
CA ARG A 42 -2.62 -9.12 -1.98
C ARG A 42 -1.93 -9.86 -3.10
N LYS A 43 -2.33 -11.11 -3.30
N LYS A 43 -2.30 -11.12 -3.28
CA LYS A 43 -1.74 -11.94 -4.34
CA LYS A 43 -1.75 -11.92 -4.36
C LYS A 43 -2.72 -13.03 -4.71
C LYS A 43 -2.74 -13.02 -4.71
N GLN A 44 -3.00 -13.17 -6.01
CA GLN A 44 -3.84 -14.25 -6.50
C GLN A 44 -2.95 -15.43 -6.85
N VAL A 45 -3.30 -16.61 -6.32
CA VAL A 45 -2.52 -17.83 -6.52
C VAL A 45 -3.48 -19.00 -6.67
N VAL A 46 -2.96 -20.11 -7.17
CA VAL A 46 -3.69 -21.37 -7.24
C VAL A 46 -3.05 -22.31 -6.23
N ILE A 47 -3.87 -22.83 -5.30
CA ILE A 47 -3.40 -23.75 -4.27
C ILE A 47 -4.30 -24.98 -4.32
N ASP A 48 -3.70 -26.15 -4.53
CA ASP A 48 -4.46 -27.39 -4.66
C ASP A 48 -5.56 -27.27 -5.70
N GLY A 49 -5.23 -26.63 -6.83
CA GLY A 49 -6.16 -26.50 -7.93
C GLY A 49 -7.23 -25.44 -7.78
N GLU A 50 -7.29 -24.74 -6.65
CA GLU A 50 -8.34 -23.77 -6.36
C GLU A 50 -7.73 -22.37 -6.32
N THR A 51 -8.29 -21.46 -7.12
CA THR A 51 -7.78 -20.11 -7.18
C THR A 51 -8.11 -19.35 -5.89
N CYS A 52 -7.10 -18.68 -5.34
CA CYS A 52 -7.18 -18.01 -4.06
C CYS A 52 -6.76 -16.56 -4.25
N LEU A 53 -7.45 -15.65 -3.60
CA LEU A 53 -6.96 -14.29 -3.41
C LEU A 53 -6.43 -14.23 -1.98
N LEU A 54 -5.11 -14.08 -1.84
CA LEU A 54 -4.50 -14.00 -0.53
C LEU A 54 -4.44 -12.55 -0.09
N ASP A 55 -4.97 -12.26 1.08
CA ASP A 55 -4.71 -11.00 1.77
C ASP A 55 -3.65 -11.28 2.82
N ILE A 56 -2.57 -10.51 2.82
CA ILE A 56 -1.50 -10.70 3.80
C ILE A 56 -1.40 -9.43 4.62
N LEU A 57 -1.63 -9.55 5.92
CA LEU A 57 -1.40 -8.45 6.85
C LEU A 57 -0.07 -8.72 7.54
N ASP A 58 0.90 -7.84 7.27
CA ASP A 58 2.23 -7.92 7.85
C ASP A 58 2.22 -7.04 9.10
N THR A 59 2.21 -7.66 10.27
CA THR A 59 2.15 -6.89 11.51
C THR A 59 3.54 -6.58 12.03
N ALA A 60 3.61 -5.57 12.90
CA ALA A 60 4.84 -5.27 13.61
C ALA A 60 5.00 -6.22 14.79
N GLY A 61 6.24 -6.60 15.07
CA GLY A 61 6.53 -7.37 16.26
C GLY A 61 6.61 -6.43 17.45
N GLN A 62 5.47 -6.22 18.11
CA GLN A 62 5.38 -5.34 19.26
C GLN A 62 4.24 -5.85 20.13
N GLU A 63 4.31 -5.50 21.41
CA GLU A 63 3.37 -6.00 22.41
C GLU A 63 2.68 -4.86 23.17
N GLU A 64 2.63 -3.67 22.59
CA GLU A 64 2.13 -2.50 23.32
C GLU A 64 0.70 -2.12 22.97
N TYR A 65 0.21 -2.45 21.78
CA TYR A 65 -1.07 -1.95 21.28
C TYR A 65 -2.06 -3.11 21.18
N SER A 66 -2.64 -3.45 22.34
CA SER A 66 -3.45 -4.66 22.41
C SER A 66 -4.80 -4.52 21.72
N ALA A 67 -5.38 -3.31 21.66
CA ALA A 67 -6.65 -3.16 20.97
C ALA A 67 -6.48 -3.40 19.47
N MET A 68 -5.40 -2.88 18.90
CA MET A 68 -5.08 -3.19 17.51
C MET A 68 -4.77 -4.67 17.34
N ARG A 69 -3.97 -5.24 18.23
CA ARG A 69 -3.65 -6.66 18.15
C ARG A 69 -4.91 -7.50 18.15
N ASP A 70 -5.83 -7.21 19.08
CA ASP A 70 -7.08 -7.97 19.14
C ASP A 70 -7.85 -7.86 17.83
N GLN A 71 -7.91 -6.67 17.24
CA GLN A 71 -8.63 -6.52 15.98
C GLN A 71 -7.95 -7.30 14.84
N TYR A 72 -6.60 -7.28 14.81
CA TYR A 72 -5.91 -8.09 13.82
C TYR A 72 -6.32 -9.54 13.93
N MET A 73 -6.43 -10.03 15.15
CA MET A 73 -6.72 -11.45 15.35
C MET A 73 -8.19 -11.75 15.06
N ARG A 74 -9.09 -10.81 15.37
CA ARG A 74 -10.50 -11.02 15.02
C ARG A 74 -10.68 -11.12 13.51
N THR A 75 -10.03 -10.24 12.75
CA THR A 75 -10.25 -10.20 11.31
C THR A 75 -9.53 -11.33 10.60
N GLY A 76 -8.35 -11.69 11.08
CA GLY A 76 -7.55 -12.70 10.38
C GLY A 76 -8.19 -14.07 10.46
N GLU A 77 -8.07 -14.83 9.38
CA GLU A 77 -8.57 -16.20 9.36
C GLU A 77 -7.49 -17.22 9.71
N GLY A 78 -6.25 -16.90 9.42
CA GLY A 78 -5.16 -17.80 9.71
C GLY A 78 -3.92 -17.00 10.03
N PHE A 79 -3.03 -17.60 10.81
CA PHE A 79 -1.91 -16.88 11.38
C PHE A 79 -0.61 -17.62 11.11
N LEU A 80 0.35 -16.92 10.56
N LEU A 80 0.31 -16.95 10.45
CA LEU A 80 1.70 -17.44 10.35
CA LEU A 80 1.69 -17.41 10.39
C LEU A 80 2.52 -16.96 11.55
C LEU A 80 2.37 -16.94 11.65
N CYS A 81 2.79 -17.89 12.48
CA CYS A 81 3.44 -17.56 13.75
C CYS A 81 4.92 -17.81 13.55
N VAL A 82 5.68 -16.73 13.39
CA VAL A 82 7.07 -16.80 12.94
C VAL A 82 8.01 -16.60 14.12
N PHE A 83 9.00 -17.47 14.23
CA PHE A 83 10.15 -17.23 15.07
C PHE A 83 11.39 -17.39 14.21
N ALA A 84 12.53 -16.99 14.74
CA ALA A 84 13.80 -17.13 14.03
C ALA A 84 14.62 -18.21 14.71
N ILE A 85 15.18 -19.13 13.92
CA ILE A 85 15.87 -20.28 14.50
C ILE A 85 17.13 -19.89 15.27
N ASN A 86 17.57 -18.65 15.18
CA ASN A 86 18.71 -18.15 15.94
C ASN A 86 18.27 -17.14 17.01
N ASN A 87 17.01 -17.25 17.46
CA ASN A 87 16.47 -16.31 18.45
C ASN A 87 15.55 -17.13 19.37
N THR A 88 16.12 -17.61 20.47
CA THR A 88 15.36 -18.47 21.37
C THR A 88 14.18 -17.73 21.99
N LYS A 89 14.37 -16.46 22.35
CA LYS A 89 13.27 -15.68 22.91
C LYS A 89 12.09 -15.65 21.95
N SER A 90 12.37 -15.48 20.65
CA SER A 90 11.26 -15.44 19.69
C SER A 90 10.49 -16.75 19.66
N PHE A 91 11.18 -17.87 19.88
CA PHE A 91 10.50 -19.15 19.94
C PHE A 91 9.72 -19.27 21.24
N GLU A 92 10.29 -18.80 22.35
CA GLU A 92 9.57 -18.79 23.62
C GLU A 92 8.33 -17.92 23.58
N ASP A 93 8.29 -16.93 22.68
CA ASP A 93 7.12 -16.06 22.56
C ASP A 93 5.95 -16.76 21.90
N ILE A 94 6.20 -17.85 21.17
CA ILE A 94 5.18 -18.40 20.27
C ILE A 94 3.91 -18.74 21.02
N HIS A 95 4.03 -19.40 22.18
CA HIS A 95 2.83 -19.82 22.90
C HIS A 95 1.95 -18.64 23.27
N HIS A 96 2.54 -17.46 23.49
CA HIS A 96 1.74 -16.29 23.81
C HIS A 96 0.83 -15.91 22.65
N TYR A 97 1.35 -15.99 21.41
CA TYR A 97 0.53 -15.70 20.25
C TYR A 97 -0.64 -16.66 20.16
N ARG A 98 -0.37 -17.95 20.33
CA ARG A 98 -1.46 -18.93 20.22
C ARG A 98 -2.51 -18.69 21.29
N GLU A 99 -2.09 -18.36 22.52
CA GLU A 99 -3.04 -18.10 23.58
C GLU A 99 -3.89 -16.88 23.25
N GLN A 100 -3.28 -15.84 22.70
CA GLN A 100 -4.01 -14.62 22.38
C GLN A 100 -4.99 -14.85 21.23
N ILE A 101 -4.56 -15.59 20.20
CA ILE A 101 -5.44 -15.83 19.06
C ILE A 101 -6.65 -16.66 19.50
N LYS A 102 -6.42 -17.70 20.30
CA LYS A 102 -7.53 -18.53 20.77
C LYS A 102 -8.50 -17.72 21.61
N ARG A 103 -7.99 -16.83 22.46
CA ARG A 103 -8.87 -16.00 23.28
C ARG A 103 -9.67 -15.03 22.42
N VAL A 104 -8.99 -14.29 21.53
CA VAL A 104 -9.66 -13.26 20.74
C VAL A 104 -10.75 -13.87 19.86
N LYS A 105 -10.45 -15.00 19.24
CA LYS A 105 -11.37 -15.65 18.32
C LYS A 105 -12.29 -16.66 19.00
N ASP A 106 -12.17 -16.82 20.31
CA ASP A 106 -13.07 -17.67 21.09
C ASP A 106 -13.09 -19.09 20.55
N SER A 107 -11.90 -19.66 20.37
CA SER A 107 -11.84 -20.99 19.79
C SER A 107 -10.54 -21.66 20.19
N GLU A 108 -10.62 -22.98 20.40
CA GLU A 108 -9.40 -23.77 20.56
C GLU A 108 -8.80 -24.22 19.23
N ASP A 109 -9.50 -24.01 18.13
CA ASP A 109 -9.07 -24.48 16.81
C ASP A 109 -9.00 -23.27 15.88
N VAL A 110 -7.84 -22.64 15.78
CA VAL A 110 -7.65 -21.50 14.88
C VAL A 110 -6.54 -21.88 13.91
N PRO A 111 -6.77 -21.73 12.60
CA PRO A 111 -5.73 -22.06 11.62
C PRO A 111 -4.44 -21.29 11.89
N MET A 112 -3.35 -22.02 12.05
CA MET A 112 -2.06 -21.37 12.21
C MET A 112 -0.98 -22.33 11.76
N VAL A 113 0.17 -21.76 11.38
CA VAL A 113 1.35 -22.51 11.00
C VAL A 113 2.51 -21.95 11.78
N LEU A 114 3.31 -22.83 12.37
CA LEU A 114 4.53 -22.41 13.06
C LEU A 114 5.65 -22.34 12.03
N VAL A 115 6.30 -21.18 11.93
CA VAL A 115 7.34 -20.95 10.93
C VAL A 115 8.64 -20.67 11.65
N GLY A 116 9.66 -21.50 11.39
CA GLY A 116 11.00 -21.25 11.88
C GLY A 116 11.86 -20.66 10.79
N ASN A 117 12.06 -19.35 10.82
CA ASN A 117 12.70 -18.63 9.73
C ASN A 117 14.20 -18.45 10.00
N LYS A 118 14.90 -18.02 8.95
CA LYS A 118 16.36 -17.82 8.95
C LYS A 118 17.13 -19.12 8.98
N CYS A 119 16.57 -20.18 8.38
N CYS A 119 16.59 -20.18 8.38
CA CYS A 119 17.22 -21.48 8.40
CA CYS A 119 17.26 -21.47 8.42
C CYS A 119 18.48 -21.54 7.54
C CYS A 119 18.56 -21.49 7.63
N ASP A 120 18.82 -20.47 6.82
CA ASP A 120 20.10 -20.38 6.13
C ASP A 120 21.24 -20.02 7.06
N LEU A 121 20.93 -19.52 8.26
CA LEU A 121 22.00 -18.97 9.10
C LEU A 121 22.69 -20.07 9.89
N PRO A 122 23.97 -19.89 10.20
CA PRO A 122 24.77 -20.91 10.91
C PRO A 122 24.77 -20.77 12.43
N SER A 123 23.89 -19.92 12.98
CA SER A 123 23.89 -19.56 14.39
C SER A 123 22.66 -20.09 15.13
N ARG A 124 22.19 -21.28 14.73
CA ARG A 124 20.94 -21.81 15.27
C ARG A 124 21.00 -21.96 16.78
N THR A 125 19.92 -21.54 17.45
CA THR A 125 19.73 -21.78 18.87
C THR A 125 18.49 -22.58 19.20
N VAL A 126 17.55 -22.73 18.27
CA VAL A 126 16.34 -23.51 18.47
C VAL A 126 16.42 -24.75 17.58
N ASP A 127 16.42 -25.93 18.20
CA ASP A 127 16.50 -27.16 17.44
C ASP A 127 15.21 -27.41 16.67
N THR A 128 15.36 -28.00 15.48
CA THR A 128 14.19 -28.38 14.70
C THR A 128 13.24 -29.24 15.51
N LYS A 129 13.77 -30.18 16.29
CA LYS A 129 12.92 -31.08 17.07
C LYS A 129 12.12 -30.31 18.13
N GLN A 130 12.72 -29.29 18.74
CA GLN A 130 11.98 -28.46 19.69
C GLN A 130 10.75 -27.88 19.04
N ALA A 131 10.91 -27.29 17.86
CA ALA A 131 9.80 -26.65 17.18
C ALA A 131 8.80 -27.67 16.67
N GLN A 132 9.28 -28.82 16.19
CA GLN A 132 8.37 -29.89 15.75
C GLN A 132 7.51 -30.39 16.91
N ASP A 133 8.11 -30.56 18.09
CA ASP A 133 7.36 -31.04 19.24
C ASP A 133 6.31 -30.02 19.68
N LEU A 134 6.65 -28.72 19.66
CA LEU A 134 5.68 -27.70 20.00
C LEU A 134 4.52 -27.70 19.01
N ALA A 135 4.83 -27.74 17.72
CA ALA A 135 3.78 -27.78 16.71
C ALA A 135 2.91 -29.02 16.86
N ARG A 136 3.53 -30.17 17.12
CA ARG A 136 2.75 -31.39 17.31
C ARG A 136 1.82 -31.26 18.51
N SER A 137 2.28 -30.60 19.57
CA SER A 137 1.44 -30.42 20.75
C SER A 137 0.23 -29.54 20.44
N TYR A 138 0.36 -28.62 19.50
CA TYR A 138 -0.74 -27.77 19.06
C TYR A 138 -1.58 -28.39 17.95
N GLY A 139 -1.12 -29.47 17.35
CA GLY A 139 -1.80 -30.02 16.19
C GLY A 139 -1.71 -29.14 14.95
N ILE A 140 -0.61 -28.42 14.78
CA ILE A 140 -0.46 -27.50 13.66
C ILE A 140 0.82 -27.83 12.90
N PRO A 141 0.91 -27.43 11.64
CA PRO A 141 2.13 -27.67 10.87
C PRO A 141 3.28 -26.80 11.34
N PHE A 142 4.49 -27.33 11.16
CA PHE A 142 5.72 -26.58 11.35
C PHE A 142 6.52 -26.61 10.07
N ILE A 143 7.00 -25.46 9.63
CA ILE A 143 7.79 -25.31 8.41
CA ILE A 143 7.82 -25.35 8.44
C ILE A 143 9.01 -24.46 8.72
N GLU A 144 10.19 -24.94 8.33
CA GLU A 144 11.41 -24.13 8.39
C GLU A 144 11.54 -23.35 7.08
N THR A 145 11.85 -22.06 7.19
CA THR A 145 11.92 -21.19 6.02
C THR A 145 13.20 -20.38 6.04
N SER A 146 13.57 -19.89 4.86
CA SER A 146 14.58 -18.85 4.74
C SER A 146 14.05 -17.84 3.75
N ALA A 147 13.76 -16.63 4.22
CA ALA A 147 13.41 -15.56 3.30
C ALA A 147 14.58 -15.21 2.39
N LYS A 148 15.81 -15.50 2.83
CA LYS A 148 17.00 -15.17 2.03
C LYS A 148 17.08 -16.06 0.80
N THR A 149 16.97 -17.37 0.97
CA THR A 149 17.07 -18.31 -0.14
C THR A 149 15.73 -18.66 -0.75
N ARG A 150 14.64 -18.21 -0.13
CA ARG A 150 13.25 -18.49 -0.49
C ARG A 150 12.80 -19.89 -0.10
N GLN A 151 13.64 -20.68 0.57
CA GLN A 151 13.23 -22.00 1.01
C GLN A 151 11.99 -21.93 1.88
N GLY A 152 10.98 -22.72 1.54
CA GLY A 152 9.80 -22.86 2.36
C GLY A 152 8.82 -21.72 2.33
N VAL A 153 9.11 -20.64 1.59
CA VAL A 153 8.27 -19.45 1.67
C VAL A 153 6.86 -19.73 1.14
N ASP A 154 6.77 -20.18 -0.11
CA ASP A 154 5.45 -20.51 -0.66
C ASP A 154 4.77 -21.57 0.19
N ASP A 155 5.52 -22.58 0.61
CA ASP A 155 4.98 -23.68 1.40
C ASP A 155 4.36 -23.16 2.70
N ALA A 156 5.02 -22.21 3.35
CA ALA A 156 4.49 -21.68 4.61
C ALA A 156 3.12 -21.04 4.41
N PHE A 157 3.02 -20.15 3.42
CA PHE A 157 1.76 -19.47 3.15
C PHE A 157 0.71 -20.42 2.61
N TYR A 158 1.09 -21.33 1.69
CA TYR A 158 0.10 -22.24 1.11
C TYR A 158 -0.41 -23.22 2.14
N THR A 159 0.48 -23.71 3.02
CA THR A 159 0.05 -24.56 4.10
C THR A 159 -0.96 -23.86 5.01
N LEU A 160 -0.73 -22.57 5.27
CA LEU A 160 -1.70 -21.82 6.08
C LEU A 160 -3.07 -21.79 5.40
N VAL A 161 -3.13 -21.56 4.09
CA VAL A 161 -4.39 -21.65 3.37
C VAL A 161 -5.00 -23.04 3.54
N ARG A 162 -4.20 -24.09 3.40
CA ARG A 162 -4.72 -25.44 3.58
C ARG A 162 -5.30 -25.61 4.98
N GLU A 163 -4.64 -25.05 6.00
CA GLU A 163 -5.16 -25.13 7.36
C GLU A 163 -6.49 -24.39 7.49
N ILE A 164 -6.64 -23.22 6.85
CA ILE A 164 -7.91 -22.52 6.90
C ILE A 164 -9.00 -23.36 6.25
N ARG A 165 -8.70 -23.95 5.10
CA ARG A 165 -9.70 -24.76 4.41
C ARG A 165 -10.11 -25.95 5.26
N LYS A 166 -9.13 -26.61 5.91
CA LYS A 166 -9.46 -27.71 6.81
C LYS A 166 -10.36 -27.25 7.95
N HIS A 167 -10.09 -26.06 8.49
CA HIS A 167 -10.92 -25.55 9.57
C HIS A 167 -12.34 -25.26 9.08
N LYS A 168 -12.47 -24.64 7.89
CA LYS A 168 -13.78 -24.31 7.36
C LYS A 168 -14.61 -25.55 7.06
N GLU A 169 -13.96 -26.71 6.91
CA GLU A 169 -14.68 -27.95 6.63
C GLU A 169 -15.38 -28.48 7.88
N LYS A 170 -14.89 -28.13 9.07
CA LYS A 170 -15.45 -28.68 10.31
C LYS A 170 -16.87 -28.18 10.57
N SER B 1 14.53 30.47 28.82
CA SER B 1 14.84 29.86 30.11
C SER B 1 16.13 30.41 30.66
N MET B 2 16.19 30.56 31.98
CA MET B 2 17.42 30.92 32.65
C MET B 2 18.32 29.73 32.92
N VAL B 3 17.81 28.50 32.73
CA VAL B 3 18.55 27.30 33.11
C VAL B 3 18.69 26.33 31.94
N ASN B 4 17.62 26.19 31.14
CA ASN B 4 17.55 25.11 30.16
C ASN B 4 18.06 25.57 28.81
N PRO B 5 18.94 24.80 28.17
CA PRO B 5 19.44 25.20 26.85
C PRO B 5 18.34 25.14 25.81
N THR B 6 18.51 25.96 24.77
CA THR B 6 17.63 25.96 23.60
C THR B 6 18.45 25.52 22.41
N VAL B 7 17.95 24.53 21.67
CA VAL B 7 18.59 24.12 20.44
C VAL B 7 17.58 24.29 19.31
N PHE B 8 18.07 24.27 18.07
CA PHE B 8 17.21 24.44 16.92
C PHE B 8 17.54 23.40 15.86
N PHE B 9 16.52 23.06 15.07
CA PHE B 9 16.66 22.32 13.83
C PHE B 9 16.11 23.18 12.71
N ASP B 10 16.89 23.36 11.64
CA ASP B 10 16.34 23.86 10.39
C ASP B 10 15.92 22.67 9.56
N ILE B 11 14.63 22.56 9.31
CA ILE B 11 14.05 21.39 8.65
C ILE B 11 14.02 21.63 7.16
N ALA B 12 14.33 20.58 6.38
CA ALA B 12 14.25 20.62 4.93
C ALA B 12 13.29 19.56 4.42
N VAL B 13 12.64 19.87 3.30
CA VAL B 13 11.75 18.95 2.60
CA VAL B 13 11.76 18.93 2.61
C VAL B 13 12.36 18.72 1.23
N ASP B 14 12.81 17.50 0.96
CA ASP B 14 13.56 17.20 -0.26
C ASP B 14 14.65 18.25 -0.50
N GLY B 15 15.35 18.61 0.56
CA GLY B 15 16.44 19.55 0.48
C GLY B 15 16.07 21.02 0.59
N GLU B 16 14.78 21.37 0.46
CA GLU B 16 14.35 22.76 0.45
C GLU B 16 14.00 23.22 1.86
N PRO B 17 14.28 24.47 2.21
CA PRO B 17 14.00 24.93 3.58
C PRO B 17 12.52 24.94 3.86
N LEU B 18 12.12 24.32 4.97
CA LEU B 18 10.75 24.38 5.45
C LEU B 18 10.60 25.41 6.56
N GLY B 19 11.47 25.35 7.55
CA GLY B 19 11.41 26.29 8.65
C GLY B 19 12.22 25.77 9.82
N ARG B 20 12.23 26.56 10.88
CA ARG B 20 13.04 26.29 12.05
C ARG B 20 12.16 25.83 13.21
N VAL B 21 12.57 24.77 13.88
CA VAL B 21 11.97 24.33 15.13
C VAL B 21 13.01 24.51 16.23
N SER B 22 12.64 25.19 17.30
CA SER B 22 13.52 25.27 18.45
C SER B 22 12.92 24.49 19.60
N PHE B 23 13.79 24.03 20.50
CA PHE B 23 13.40 23.16 21.61
C PHE B 23 14.02 23.68 22.89
N GLU B 24 13.23 23.71 23.96
CA GLU B 24 13.76 23.83 25.30
C GLU B 24 14.10 22.43 25.80
N LEU B 25 15.34 22.22 26.23
CA LEU B 25 15.79 20.94 26.74
C LEU B 25 15.80 21.00 28.26
N PHE B 26 15.09 20.08 28.89
CA PHE B 26 14.84 20.16 30.34
C PHE B 26 16.05 19.62 31.12
N ALA B 27 17.18 20.33 30.98
CA ALA B 27 18.37 19.97 31.74
C ALA B 27 18.14 20.09 33.25
N ASP B 28 17.18 20.93 33.67
CA ASP B 28 16.91 21.10 35.10
C ASP B 28 16.37 19.82 35.73
N LYS B 29 15.64 19.01 34.96
CA LYS B 29 15.03 17.80 35.50
C LYS B 29 15.53 16.52 34.86
N VAL B 30 16.09 16.58 33.66
CA VAL B 30 16.52 15.39 32.93
C VAL B 30 17.90 15.68 32.35
N PRO B 31 18.92 15.92 33.20
CA PRO B 31 20.17 16.52 32.68
C PRO B 31 20.94 15.64 31.72
N LYS B 32 21.09 14.35 32.01
CA LYS B 32 21.92 13.52 31.14
C LYS B 32 21.29 13.38 29.76
N THR B 33 19.98 13.19 29.72
CA THR B 33 19.28 13.04 28.45
C THR B 33 19.23 14.35 27.69
N ALA B 34 18.98 15.45 28.40
CA ALA B 34 19.00 16.76 27.75
C ALA B 34 20.39 17.06 27.17
N GLU B 35 21.45 16.74 27.93
CA GLU B 35 22.80 17.06 27.47
C GLU B 35 23.16 16.28 26.22
N ASN B 36 22.76 15.01 26.15
CA ASN B 36 22.96 14.22 24.95
C ASN B 36 22.36 14.92 23.73
N PHE B 37 21.09 15.32 23.82
CA PHE B 37 20.43 15.95 22.69
C PHE B 37 21.09 17.29 22.34
N ARG B 38 21.46 18.07 23.37
CA ARG B 38 22.15 19.33 23.10
C ARG B 38 23.44 19.10 22.32
N ALA B 39 24.27 18.15 22.78
CA ALA B 39 25.57 17.96 22.15
C ALA B 39 25.41 17.34 20.76
N LEU B 40 24.41 16.49 20.56
CA LEU B 40 24.17 15.97 19.22
C LEU B 40 23.68 17.06 18.29
N SER B 41 23.03 18.09 18.84
CA SER B 41 22.54 19.21 18.03
C SER B 41 23.67 20.16 17.64
N THR B 42 24.67 20.34 18.50
CA THR B 42 25.81 21.17 18.13
C THR B 42 26.85 20.40 17.33
N GLY B 43 26.85 19.07 17.40
CA GLY B 43 27.86 18.26 16.77
C GLY B 43 29.21 18.31 17.44
N GLU B 44 29.27 18.83 18.67
CA GLU B 44 30.57 19.14 19.28
C GLU B 44 31.38 17.90 19.64
N LYS B 45 30.77 16.72 19.68
CA LYS B 45 31.52 15.49 19.90
C LYS B 45 32.03 14.87 18.61
N GLY B 46 31.75 15.47 17.46
CA GLY B 46 32.20 14.95 16.19
C GLY B 46 31.15 14.15 15.44
N PHE B 47 29.94 14.09 15.96
CA PHE B 47 28.82 13.43 15.29
C PHE B 47 27.54 14.07 15.80
N GLY B 48 26.44 13.82 15.10
CA GLY B 48 25.18 14.35 15.59
C GLY B 48 24.16 14.43 14.48
N TYR B 49 23.14 15.27 14.73
CA TYR B 49 21.89 15.23 13.98
C TYR B 49 21.95 15.90 12.61
N LYS B 50 22.93 16.77 12.34
CA LYS B 50 22.88 17.51 11.09
C LYS B 50 22.94 16.57 9.90
N GLY B 51 21.93 16.67 9.03
CA GLY B 51 21.81 15.84 7.87
C GLY B 51 20.89 14.65 8.03
N SER B 52 20.56 14.28 9.26
CA SER B 52 19.75 13.10 9.52
C SER B 52 18.28 13.36 9.16
N CYS B 53 17.50 12.28 9.17
CA CYS B 53 16.17 12.26 8.60
C CYS B 53 15.12 11.99 9.67
N PHE B 54 13.97 12.63 9.52
CA PHE B 54 12.76 12.21 10.22
C PHE B 54 12.15 11.09 9.39
N HIS B 55 12.52 9.85 9.72
CA HIS B 55 12.20 8.71 8.89
C HIS B 55 10.80 8.17 9.13
N ARG B 56 10.20 8.45 10.28
CA ARG B 56 8.89 7.91 10.62
C ARG B 56 8.01 9.05 11.12
N ILE B 57 6.99 9.38 10.36
CA ILE B 57 6.07 10.45 10.72
C ILE B 57 4.67 9.89 10.58
N ILE B 58 3.95 9.81 11.69
CA ILE B 58 2.60 9.27 11.69
C ILE B 58 1.64 10.35 12.13
N PRO B 59 0.84 10.90 11.22
CA PRO B 59 -0.08 11.98 11.58
C PRO B 59 -1.00 11.56 12.73
N GLY B 60 -1.19 12.49 13.66
CA GLY B 60 -1.95 12.24 14.86
C GLY B 60 -1.12 11.74 16.03
N PHE B 61 0.16 11.45 15.81
CA PHE B 61 0.99 10.85 16.85
C PHE B 61 2.34 11.55 17.02
N MET B 62 3.24 11.43 16.05
CA MET B 62 4.58 11.96 16.31
C MET B 62 5.39 12.05 15.03
N CYS B 63 6.48 12.82 15.12
CA CYS B 63 7.54 12.86 14.11
C CYS B 63 8.79 12.28 14.77
N GLN B 64 9.31 11.19 14.22
CA GLN B 64 10.45 10.49 14.81
C GLN B 64 11.66 10.60 13.88
N GLY B 65 12.83 10.82 14.47
CA GLY B 65 14.05 10.93 13.70
C GLY B 65 15.27 10.61 14.53
N GLY B 66 16.43 10.97 13.99
CA GLY B 66 17.67 10.91 14.75
C GLY B 66 18.63 9.77 14.46
N ASP B 67 18.37 8.94 13.46
CA ASP B 67 19.29 7.83 13.16
C ASP B 67 20.38 8.31 12.22
N PHE B 68 21.50 8.75 12.77
CA PHE B 68 22.63 9.19 11.95
C PHE B 68 23.71 8.15 11.81
N THR B 69 23.50 6.93 12.30
CA THR B 69 24.51 5.88 12.15
C THR B 69 24.14 4.86 11.09
N ARG B 70 22.92 4.34 11.12
CA ARG B 70 22.46 3.43 10.08
C ARG B 70 21.61 4.10 9.02
N HIS B 71 21.04 5.27 9.32
CA HIS B 71 20.26 6.04 8.35
C HIS B 71 19.05 5.28 7.83
N ASN B 72 18.51 4.38 8.64
CA ASN B 72 17.37 3.58 8.20
C ASN B 72 16.34 3.36 9.31
N GLY B 73 16.44 4.06 10.43
CA GLY B 73 15.51 3.91 11.53
C GLY B 73 15.88 2.85 12.55
N THR B 74 16.99 2.16 12.37
CA THR B 74 17.41 1.13 13.31
C THR B 74 18.56 1.55 14.19
N GLY B 75 19.23 2.65 13.86
CA GLY B 75 20.46 3.01 14.55
C GLY B 75 20.40 4.26 15.39
N GLY B 76 21.55 4.91 15.49
CA GLY B 76 21.78 6.05 16.35
C GLY B 76 22.74 5.69 17.48
N LYS B 77 23.31 6.74 18.09
CA LYS B 77 24.19 6.54 19.23
C LYS B 77 24.22 7.81 20.06
N SER B 78 24.54 7.64 21.33
CA SER B 78 24.58 8.76 22.25
C SER B 78 26.01 9.26 22.43
N ILE B 79 26.13 10.38 23.15
CA ILE B 79 27.45 10.89 23.51
C ILE B 79 28.10 10.08 24.62
N TYR B 80 27.40 9.11 25.20
CA TYR B 80 27.88 8.30 26.30
C TYR B 80 28.28 6.90 25.85
N GLY B 81 28.16 6.61 24.57
CA GLY B 81 28.26 5.27 24.04
C GLY B 81 27.05 4.96 23.19
N GLU B 82 26.99 3.71 22.73
CA GLU B 82 25.90 3.34 21.82
C GLU B 82 24.54 3.56 22.47
N LYS B 83 24.41 3.22 23.76
CA LYS B 83 23.13 3.31 24.46
C LYS B 83 23.36 3.83 25.87
N PHE B 84 22.31 4.41 26.44
CA PHE B 84 22.35 4.80 27.85
C PHE B 84 21.00 4.54 28.51
N GLU B 85 21.02 4.49 29.84
CA GLU B 85 19.87 4.03 30.59
C GLU B 85 18.77 5.09 30.60
N ASP B 86 17.54 4.63 30.87
CA ASP B 86 16.44 5.56 31.11
C ASP B 86 16.72 6.36 32.36
N GLU B 87 16.89 7.68 32.18
CA GLU B 87 17.37 8.52 33.28
C GLU B 87 16.29 8.68 34.34
N ASN B 88 15.09 9.06 33.94
CA ASN B 88 13.98 9.19 34.87
C ASN B 88 12.71 9.29 34.04
N PHE B 89 11.58 9.14 34.70
CA PHE B 89 10.27 9.32 34.09
C PHE B 89 9.48 10.44 34.76
N ILE B 90 10.20 11.48 35.19
CA ILE B 90 9.58 12.61 35.89
C ILE B 90 8.54 13.27 35.00
N LEU B 91 8.85 13.45 33.72
CA LEU B 91 7.97 14.17 32.81
C LEU B 91 7.17 13.21 31.94
N LYS B 92 5.98 13.66 31.56
CA LYS B 92 5.02 12.81 30.86
C LYS B 92 4.76 13.34 29.46
N HIS B 93 4.14 12.49 28.64
CA HIS B 93 3.80 12.85 27.26
C HIS B 93 2.43 13.54 27.28
N THR B 94 2.45 14.83 27.60
CA THR B 94 1.23 15.54 27.95
C THR B 94 0.53 16.20 26.76
N GLY B 95 1.15 16.25 25.59
CA GLY B 95 0.52 16.86 24.44
C GLY B 95 1.48 17.21 23.32
N PRO B 96 0.98 17.94 22.31
CA PRO B 96 1.83 18.30 21.17
C PRO B 96 3.09 19.05 21.61
N GLY B 97 4.19 18.79 20.91
CA GLY B 97 5.45 19.47 21.15
C GLY B 97 6.38 18.77 22.12
N ILE B 98 5.90 17.78 22.86
CA ILE B 98 6.76 17.05 23.79
C ILE B 98 7.87 16.34 23.01
N LEU B 99 9.09 16.47 23.51
CA LEU B 99 10.27 15.86 22.93
C LEU B 99 10.71 14.72 23.84
N SER B 100 10.82 13.52 23.27
CA SER B 100 11.00 12.32 24.07
C SER B 100 11.91 11.36 23.32
N MET B 101 12.58 10.48 24.06
CA MET B 101 13.52 9.55 23.44
C MET B 101 12.80 8.34 22.85
N ALA B 102 13.15 8.00 21.61
CA ALA B 102 12.78 6.71 21.05
C ALA B 102 13.67 5.63 21.65
N ASN B 103 13.21 4.39 21.63
CA ASN B 103 14.04 3.33 22.19
C ASN B 103 13.57 1.98 21.67
N ALA B 104 14.31 0.94 22.05
CA ALA B 104 13.98 -0.43 21.69
C ALA B 104 13.67 -1.25 22.94
N GLY B 105 13.07 -0.60 23.94
CA GLY B 105 12.83 -1.23 25.22
C GLY B 105 13.64 -0.55 26.31
N PRO B 106 13.65 -1.12 27.52
CA PRO B 106 14.31 -0.46 28.65
C PRO B 106 15.79 -0.20 28.39
N ASN B 107 16.21 1.01 28.74
CA ASN B 107 17.63 1.39 28.78
C ASN B 107 18.31 1.22 27.42
N THR B 108 17.67 1.72 26.37
CA THR B 108 18.25 1.65 25.03
C THR B 108 18.19 3.00 24.33
N ASN B 109 18.36 4.07 25.09
CA ASN B 109 18.41 5.40 24.49
C ASN B 109 19.71 5.59 23.73
N GLY B 110 19.61 6.15 22.54
CA GLY B 110 20.79 6.45 21.76
C GLY B 110 20.72 7.88 21.28
N SER B 111 20.27 8.05 20.04
CA SER B 111 20.00 9.37 19.51
C SER B 111 18.60 9.55 18.95
N GLN B 112 17.89 8.48 18.64
CA GLN B 112 16.57 8.65 18.06
C GLN B 112 15.62 9.24 19.09
N PHE B 113 14.71 10.08 18.60
CA PHE B 113 13.82 10.88 19.44
C PHE B 113 12.53 11.04 18.66
N PHE B 114 11.50 11.55 19.33
CA PHE B 114 10.28 11.88 18.63
C PHE B 114 9.68 13.14 19.22
N ILE B 115 8.98 13.86 18.37
CA ILE B 115 8.24 15.06 18.74
C ILE B 115 6.77 14.69 18.68
N CYS B 116 6.08 14.75 19.81
CA CYS B 116 4.67 14.42 19.83
C CYS B 116 3.88 15.49 19.08
N THR B 117 2.85 15.04 18.36
CA THR B 117 1.87 15.96 17.78
C THR B 117 0.51 15.80 18.45
N ALA B 118 0.44 14.98 19.49
CA ALA B 118 -0.75 14.78 20.30
C ALA B 118 -0.28 14.26 21.64
N LYS B 119 -1.21 14.16 22.58
CA LYS B 119 -0.91 13.50 23.85
C LYS B 119 -0.71 12.02 23.60
N THR B 120 0.37 11.45 24.13
CA THR B 120 0.69 10.03 23.95
C THR B 120 0.96 9.40 25.31
N GLU B 121 -0.07 9.41 26.16
CA GLU B 121 0.12 9.07 27.57
C GLU B 121 0.52 7.60 27.77
N TRP B 122 0.16 6.72 26.83
CA TRP B 122 0.54 5.32 26.92
C TRP B 122 2.06 5.11 26.84
N LEU B 123 2.82 6.13 26.44
CA LEU B 123 4.27 6.04 26.42
C LEU B 123 4.90 6.48 27.75
N ASP B 124 4.10 7.00 28.67
CA ASP B 124 4.62 7.46 29.95
C ASP B 124 5.23 6.29 30.69
N GLY B 125 6.42 6.51 31.25
CA GLY B 125 7.12 5.49 31.98
C GLY B 125 7.88 4.51 31.11
N LYS B 126 7.80 4.66 29.79
CA LYS B 126 8.53 3.81 28.85
C LYS B 126 9.48 4.60 27.98
N HIS B 127 9.24 5.89 27.79
CA HIS B 127 10.13 6.75 27.03
C HIS B 127 10.44 7.96 27.88
N VAL B 128 11.71 8.38 27.89
CA VAL B 128 12.14 9.51 28.70
C VAL B 128 11.82 10.81 27.97
N VAL B 129 10.92 11.60 28.56
CA VAL B 129 10.62 12.95 28.09
C VAL B 129 11.69 13.90 28.62
N PHE B 130 12.24 14.74 27.73
CA PHE B 130 13.35 15.60 28.12
C PHE B 130 13.30 17.00 27.52
N GLY B 131 12.23 17.36 26.82
CA GLY B 131 12.20 18.70 26.24
C GLY B 131 10.86 18.97 25.62
N LYS B 132 10.75 20.14 25.00
CA LYS B 132 9.52 20.51 24.33
C LYS B 132 9.85 21.53 23.25
N VAL B 133 9.03 21.53 22.21
CA VAL B 133 9.12 22.57 21.19
C VAL B 133 8.90 23.93 21.84
N LYS B 134 9.79 24.86 21.56
CA LYS B 134 9.67 26.24 22.03
C LYS B 134 9.05 27.13 20.97
N GLU B 135 9.69 27.23 19.81
CA GLU B 135 9.14 27.93 18.67
C GLU B 135 9.10 26.99 17.47
N GLY B 136 8.14 27.24 16.57
CA GLY B 136 8.07 26.47 15.36
C GLY B 136 7.18 25.25 15.41
N MET B 137 6.22 25.19 16.33
CA MET B 137 5.27 24.08 16.30
C MET B 137 4.53 24.04 14.96
N ASN B 138 4.32 25.18 14.31
CA ASN B 138 3.71 25.17 12.99
C ASN B 138 4.57 24.42 11.97
N ILE B 139 5.90 24.43 12.16
CA ILE B 139 6.78 23.69 11.26
C ILE B 139 6.64 22.19 11.51
N VAL B 140 6.50 21.80 12.78
CA VAL B 140 6.24 20.40 13.12
C VAL B 140 4.90 19.95 12.53
N GLU B 141 3.89 20.81 12.60
CA GLU B 141 2.61 20.49 11.99
C GLU B 141 2.76 20.34 10.48
N ALA B 142 3.58 21.17 9.85
CA ALA B 142 3.83 21.02 8.42
C ALA B 142 4.56 19.72 8.12
N MET B 143 5.55 19.37 8.95
CA MET B 143 6.23 18.09 8.79
C MET B 143 5.25 16.94 8.92
N GLU B 144 4.34 17.02 9.89
CA GLU B 144 3.42 15.92 10.14
C GLU B 144 2.58 15.61 8.90
N ARG B 145 2.31 16.61 8.07
CA ARG B 145 1.49 16.40 6.88
C ARG B 145 2.18 15.55 5.82
N PHE B 146 3.51 15.43 5.88
CA PHE B 146 4.23 14.56 4.95
C PHE B 146 4.25 13.11 5.40
N GLY B 147 3.71 12.79 6.57
CA GLY B 147 3.70 11.44 7.07
C GLY B 147 2.55 10.62 6.53
N SER B 148 2.42 9.42 7.07
CA SER B 148 1.36 8.50 6.67
C SER B 148 1.14 7.51 7.79
N ARG B 149 0.10 6.70 7.63
CA ARG B 149 -0.29 5.78 8.69
C ARG B 149 0.82 4.79 9.04
N ASN B 150 1.62 4.38 8.07
CA ASN B 150 2.72 3.45 8.35
C ASN B 150 4.04 4.16 8.58
N GLY B 151 4.04 5.49 8.67
CA GLY B 151 5.22 6.26 8.99
C GLY B 151 6.03 6.72 7.81
N LYS B 152 5.86 6.11 6.63
CA LYS B 152 6.63 6.53 5.47
C LYS B 152 6.24 7.94 5.06
N THR B 153 7.23 8.76 4.73
CA THR B 153 6.98 10.13 4.36
C THR B 153 6.94 10.26 2.84
N SER B 154 6.12 11.21 2.36
CA SER B 154 5.93 11.39 0.93
C SER B 154 7.05 12.20 0.30
N LYS B 155 7.77 12.96 1.12
CA LYS B 155 8.99 13.62 0.72
C LYS B 155 9.96 13.46 1.87
N LYS B 156 11.25 13.57 1.57
CA LYS B 156 12.25 13.29 2.59
C LYS B 156 12.43 14.52 3.49
N ILE B 157 12.23 14.31 4.79
CA ILE B 157 12.27 15.37 5.79
C ILE B 157 13.58 15.24 6.54
N THR B 158 14.44 16.25 6.46
CA THR B 158 15.76 16.17 7.07
C THR B 158 16.04 17.38 7.95
N ILE B 159 17.06 17.21 8.79
CA ILE B 159 17.61 18.28 9.61
C ILE B 159 18.72 18.91 8.79
N ALA B 160 18.39 20.00 8.08
CA ALA B 160 19.36 20.66 7.20
C ALA B 160 20.45 21.35 8.01
N ASP B 161 20.10 21.88 9.17
CA ASP B 161 21.10 22.49 10.05
C ASP B 161 20.57 22.38 11.46
N CYS B 162 21.46 22.54 12.43
CA CYS B 162 21.05 22.46 13.82
C CYS B 162 22.15 23.04 14.67
N GLY B 163 21.79 23.41 15.89
CA GLY B 163 22.75 24.04 16.78
C GLY B 163 22.06 24.51 18.05
N GLN B 164 22.80 25.30 18.82
CA GLN B 164 22.34 25.82 20.10
C GLN B 164 22.15 27.32 20.02
N LEU B 165 21.06 27.81 20.60
CA LEU B 165 20.73 29.24 20.64
C LEU B 165 21.00 29.79 22.03
N GLU B 166 20.60 31.04 22.24
CA GLU B 166 20.75 31.78 23.50
C GLU B 166 22.21 32.09 23.81
N SER C 1 -12.99 -1.49 22.91
CA SER C 1 -12.49 -2.24 21.75
C SER C 1 -12.98 -1.59 20.48
N MET C 2 -12.43 -2.01 19.34
CA MET C 2 -12.84 -1.48 18.06
C MET C 2 -13.54 -2.56 17.24
N THR C 3 -14.07 -2.14 16.09
CA THR C 3 -14.72 -3.03 15.14
C THR C 3 -14.19 -2.67 13.76
N GLU C 4 -13.88 -3.68 12.96
CA GLU C 4 -13.40 -3.48 11.60
C GLU C 4 -14.54 -3.65 10.59
N TYR C 5 -14.53 -2.78 9.57
CA TYR C 5 -15.54 -2.82 8.52
C TYR C 5 -14.85 -2.93 7.17
N LYS C 6 -15.28 -3.90 6.37
CA LYS C 6 -14.71 -4.12 5.04
C LYS C 6 -15.65 -3.48 4.03
N LEU C 7 -15.36 -2.23 3.68
CA LEU C 7 -16.18 -1.47 2.75
C LEU C 7 -15.61 -1.60 1.35
N VAL C 8 -16.50 -1.62 0.35
CA VAL C 8 -16.10 -1.73 -1.05
C VAL C 8 -16.77 -0.62 -1.83
N VAL C 9 -16.00 0.11 -2.62
CA VAL C 9 -16.50 1.22 -3.43
C VAL C 9 -16.55 0.77 -4.88
N VAL C 10 -17.74 0.82 -5.48
CA VAL C 10 -17.97 0.34 -6.84
C VAL C 10 -18.71 1.42 -7.62
N GLY C 11 -18.60 1.34 -8.93
CA GLY C 11 -19.24 2.31 -9.80
C GLY C 11 -18.44 2.52 -11.06
N ALA C 12 -19.08 3.17 -12.04
CA ALA C 12 -18.47 3.30 -13.35
C ALA C 12 -17.18 4.12 -13.30
N ASP C 13 -16.32 3.92 -14.30
CA ASP C 13 -15.07 4.66 -14.31
C ASP C 13 -15.33 6.16 -14.34
N GLY C 14 -14.53 6.90 -13.59
CA GLY C 14 -14.59 8.35 -13.59
C GLY C 14 -15.59 8.98 -12.65
N VAL C 15 -16.41 8.18 -11.96
CA VAL C 15 -17.46 8.79 -11.13
C VAL C 15 -16.93 9.44 -9.88
N GLY C 16 -15.71 9.12 -9.47
CA GLY C 16 -15.13 9.67 -8.26
C GLY C 16 -14.95 8.72 -7.11
N LYS C 17 -14.87 7.40 -7.37
CA LYS C 17 -14.67 6.43 -6.29
C LYS C 17 -13.37 6.72 -5.53
N SER C 18 -12.28 6.91 -6.27
CA SER C 18 -10.99 7.15 -5.62
C SER C 18 -10.98 8.51 -4.94
N ALA C 19 -11.52 9.53 -5.61
CA ALA C 19 -11.55 10.86 -5.02
C ALA C 19 -12.34 10.86 -3.71
N LEU C 20 -13.44 10.11 -3.66
CA LEU C 20 -14.22 10.01 -2.42
C LEU C 20 -13.40 9.36 -1.32
N THR C 21 -12.74 8.25 -1.65
CA THR C 21 -11.95 7.51 -0.66
C THR C 21 -10.76 8.33 -0.17
N ILE C 22 -10.08 9.01 -1.09
CA ILE C 22 -8.93 9.84 -0.71
C ILE C 22 -9.38 11.04 0.13
N GLN C 23 -10.54 11.61 -0.18
CA GLN C 23 -11.06 12.70 0.65
C GLN C 23 -11.38 12.19 2.05
N LEU C 24 -12.02 11.03 2.16
CA LEU C 24 -12.33 10.47 3.46
C LEU C 24 -11.06 10.19 4.25
N ILE C 25 -10.09 9.56 3.61
CA ILE C 25 -8.93 9.04 4.33
C ILE C 25 -7.89 10.14 4.57
N GLN C 26 -7.57 10.90 3.53
CA GLN C 26 -6.43 11.82 3.57
C GLN C 26 -6.83 13.28 3.52
N ASN C 27 -8.13 13.57 3.39
CA ASN C 27 -8.65 14.94 3.51
C ASN C 27 -8.08 15.87 2.44
N HIS C 28 -7.96 15.37 1.21
CA HIS C 28 -7.59 16.25 0.11
C HIS C 28 -8.20 15.73 -1.18
N PHE C 29 -8.22 16.62 -2.18
CA PHE C 29 -8.81 16.36 -3.49
C PHE C 29 -7.87 16.89 -4.57
N VAL C 30 -7.68 16.11 -5.63
CA VAL C 30 -6.93 16.55 -6.80
C VAL C 30 -7.83 16.43 -8.03
N ASP C 31 -7.69 17.40 -8.94
CA ASP C 31 -8.42 17.33 -10.21
C ASP C 31 -7.90 16.23 -11.12
N GLU C 32 -6.67 15.78 -10.92
CA GLU C 32 -6.06 14.84 -11.84
C GLU C 32 -6.67 13.46 -11.70
N TYR C 33 -6.87 12.79 -12.83
CA TYR C 33 -7.43 11.47 -12.88
C TYR C 33 -6.29 10.45 -12.91
N ASP C 34 -6.20 9.62 -11.87
CA ASP C 34 -5.26 8.50 -11.84
C ASP C 34 -6.09 7.24 -11.88
N PRO C 35 -6.26 6.62 -13.05
CA PRO C 35 -7.19 5.49 -13.16
C PRO C 35 -6.76 4.33 -12.27
N THR C 36 -7.71 3.82 -11.49
CA THR C 36 -7.41 2.76 -10.53
C THR C 36 -7.35 1.40 -11.19
N ILE C 37 -6.41 0.57 -10.72
CA ILE C 37 -6.48 -0.87 -10.90
C ILE C 37 -7.18 -1.45 -9.68
N GLU C 38 -6.55 -1.30 -8.51
CA GLU C 38 -7.16 -1.72 -7.24
C GLU C 38 -6.33 -1.16 -6.11
N ASP C 39 -6.96 -0.58 -5.09
CA ASP C 39 -6.23 -0.06 -3.94
C ASP C 39 -7.02 -0.32 -2.67
N SER C 40 -6.31 -0.41 -1.56
CA SER C 40 -6.90 -0.56 -0.23
C SER C 40 -6.40 0.53 0.68
N TYR C 41 -7.31 1.04 1.52
CA TYR C 41 -7.02 2.08 2.51
C TYR C 41 -7.52 1.62 3.86
N ARG C 42 -6.76 1.89 4.91
CA ARG C 42 -7.16 1.51 6.26
C ARG C 42 -6.98 2.70 7.17
N LYS C 43 -7.97 2.94 8.04
CA LYS C 43 -7.89 4.07 8.93
C LYS C 43 -8.85 3.87 10.11
N GLN C 44 -8.38 4.23 11.30
CA GLN C 44 -9.24 4.25 12.48
C GLN C 44 -10.02 5.55 12.51
N VAL C 45 -11.32 5.45 12.73
CA VAL C 45 -12.17 6.62 12.91
C VAL C 45 -13.16 6.29 14.00
N VAL C 46 -13.72 7.32 14.61
CA VAL C 46 -14.77 7.16 15.61
C VAL C 46 -16.10 7.52 14.96
N ILE C 47 -17.05 6.61 15.04
CA ILE C 47 -18.38 6.79 14.46
C ILE C 47 -19.40 6.52 15.56
N ASP C 48 -20.19 7.54 15.90
CA ASP C 48 -21.21 7.40 16.95
C ASP C 48 -20.62 6.88 18.25
N GLY C 49 -19.44 7.38 18.59
CA GLY C 49 -18.79 7.04 19.84
C GLY C 49 -18.03 5.73 19.83
N GLU C 50 -18.05 4.99 18.73
CA GLU C 50 -17.41 3.69 18.65
C GLU C 50 -16.20 3.76 17.74
N THR C 51 -15.10 3.17 18.17
CA THR C 51 -13.89 3.15 17.35
C THR C 51 -14.05 2.12 16.25
N CYS C 52 -13.86 2.56 15.01
CA CYS C 52 -14.02 1.71 13.83
C CYS C 52 -12.72 1.68 13.05
N LEU C 53 -12.30 0.50 12.65
CA LEU C 53 -11.18 0.36 11.74
C LEU C 53 -11.80 0.19 10.36
N LEU C 54 -11.73 1.23 9.55
CA LEU C 54 -12.29 1.21 8.22
C LEU C 54 -11.28 0.63 7.25
N ASP C 55 -11.69 -0.39 6.53
CA ASP C 55 -10.91 -0.93 5.43
C ASP C 55 -11.72 -0.65 4.17
N ILE C 56 -11.15 0.14 3.27
CA ILE C 56 -11.84 0.56 2.05
C ILE C 56 -11.14 -0.05 0.85
N LEU C 57 -11.86 -0.86 0.11
CA LEU C 57 -11.38 -1.44 -1.14
C LEU C 57 -11.87 -0.54 -2.27
N ASP C 58 -10.93 0.14 -2.92
CA ASP C 58 -11.23 1.09 -4.00
C ASP C 58 -11.07 0.31 -5.30
N THR C 59 -12.20 -0.04 -5.92
CA THR C 59 -12.17 -0.85 -7.12
C THR C 59 -12.12 0.03 -8.37
N ALA C 60 -11.71 -0.57 -9.48
CA ALA C 60 -11.75 0.09 -10.77
C ALA C 60 -13.15 0.00 -11.37
N GLY C 61 -13.56 1.06 -12.06
CA GLY C 61 -14.78 1.01 -12.84
C GLY C 61 -14.49 0.30 -14.15
N GLN C 62 -14.74 -1.01 -14.19
CA GLN C 62 -14.49 -1.80 -15.38
C GLN C 62 -15.52 -2.93 -15.41
N GLU C 63 -15.78 -3.43 -16.61
CA GLU C 63 -16.77 -4.48 -16.79
C GLU C 63 -16.19 -5.71 -17.48
N GLU C 64 -14.87 -5.87 -17.43
CA GLU C 64 -14.21 -6.97 -18.14
C GLU C 64 -13.83 -8.15 -17.26
N TYR C 65 -13.73 -7.96 -15.95
CA TYR C 65 -13.15 -8.95 -15.04
C TYR C 65 -14.19 -9.32 -13.99
N SER C 66 -15.12 -10.20 -14.38
N SER C 66 -15.11 -10.20 -14.37
CA SER C 66 -16.24 -10.55 -13.52
CA SER C 66 -16.24 -10.55 -13.52
C SER C 66 -15.84 -11.46 -12.37
C SER C 66 -15.85 -11.48 -12.37
N ALA C 67 -14.81 -12.29 -12.56
CA ALA C 67 -14.37 -13.15 -11.47
C ALA C 67 -13.83 -12.32 -10.31
N MET C 68 -13.00 -11.31 -10.62
CA MET C 68 -12.51 -10.41 -9.59
C MET C 68 -13.65 -9.60 -8.98
N ARG C 69 -14.53 -9.04 -9.83
CA ARG C 69 -15.69 -8.31 -9.35
C ARG C 69 -16.49 -9.13 -8.35
N ASP C 70 -16.78 -10.39 -8.70
CA ASP C 70 -17.57 -11.25 -7.81
C ASP C 70 -16.85 -11.47 -6.49
N GLN C 71 -15.52 -11.66 -6.52
CA GLN C 71 -14.79 -11.84 -5.28
C GLN C 71 -14.85 -10.60 -4.40
N TYR C 72 -14.74 -9.40 -5.02
CA TYR C 72 -14.89 -8.18 -4.24
C TYR C 72 -16.23 -8.17 -3.52
N MET C 73 -17.28 -8.59 -4.22
CA MET C 73 -18.62 -8.59 -3.65
C MET C 73 -18.79 -9.71 -2.64
N ARG C 74 -18.09 -10.83 -2.82
CA ARG C 74 -18.23 -11.96 -1.92
C ARG C 74 -17.80 -11.59 -0.50
N THR C 75 -16.66 -10.94 -0.37
CA THR C 75 -16.18 -10.63 0.97
C THR C 75 -16.49 -9.21 1.43
N GLY C 76 -16.96 -8.33 0.55
CA GLY C 76 -17.31 -6.99 0.96
C GLY C 76 -18.45 -7.03 1.97
N GLU C 77 -18.33 -6.25 3.04
CA GLU C 77 -19.35 -6.18 4.07
CA GLU C 77 -19.39 -6.23 4.04
C GLU C 77 -20.44 -5.17 3.74
N GLY C 78 -20.07 -4.11 3.02
CA GLY C 78 -21.02 -3.10 2.59
C GLY C 78 -20.46 -2.41 1.39
N PHE C 79 -21.35 -1.85 0.56
CA PHE C 79 -20.95 -1.34 -0.74
C PHE C 79 -21.40 0.11 -0.91
N LEU C 80 -20.45 0.96 -1.27
CA LEU C 80 -20.77 2.31 -1.72
C LEU C 80 -20.90 2.24 -3.23
N CYS C 81 -22.13 2.38 -3.72
CA CYS C 81 -22.44 2.30 -5.13
C CYS C 81 -22.52 3.72 -5.67
N VAL C 82 -21.51 4.12 -6.43
CA VAL C 82 -21.28 5.51 -6.80
C VAL C 82 -21.64 5.73 -8.25
N PHE C 83 -22.43 6.75 -8.52
CA PHE C 83 -22.57 7.33 -9.85
C PHE C 83 -22.22 8.80 -9.75
N ALA C 84 -22.06 9.45 -10.90
CA ALA C 84 -21.81 10.89 -10.93
C ALA C 84 -23.08 11.60 -11.42
N ILE C 85 -23.45 12.70 -10.74
CA ILE C 85 -24.70 13.37 -11.05
C ILE C 85 -24.71 13.99 -12.44
N ASN C 86 -23.55 14.06 -13.10
CA ASN C 86 -23.44 14.56 -14.46
C ASN C 86 -23.07 13.47 -15.45
N ASN C 87 -23.37 12.21 -15.11
CA ASN C 87 -23.06 11.08 -15.99
C ASN C 87 -24.27 10.15 -15.93
N THR C 88 -25.18 10.31 -16.90
CA THR C 88 -26.42 9.53 -16.85
C THR C 88 -26.14 8.05 -17.02
N LYS C 89 -25.18 7.68 -17.88
CA LYS C 89 -24.85 6.27 -18.04
C LYS C 89 -24.42 5.66 -16.71
N SER C 90 -23.64 6.41 -15.92
CA SER C 90 -23.21 5.87 -14.64
C SER C 90 -24.37 5.61 -13.71
N PHE C 91 -25.43 6.43 -13.82
CA PHE C 91 -26.63 6.17 -13.03
C PHE C 91 -27.38 4.96 -13.57
N GLU C 92 -27.45 4.83 -14.90
CA GLU C 92 -28.07 3.64 -15.49
C GLU C 92 -27.34 2.37 -15.12
N ASP C 93 -26.04 2.45 -14.80
CA ASP C 93 -25.30 1.27 -14.39
C ASP C 93 -25.68 0.77 -13.01
N ILE C 94 -26.31 1.63 -12.18
CA ILE C 94 -26.46 1.31 -10.76
C ILE C 94 -27.23 0.01 -10.56
N HIS C 95 -28.35 -0.16 -11.27
CA HIS C 95 -29.12 -1.39 -11.07
C HIS C 95 -28.29 -2.62 -11.38
N HIS C 96 -27.33 -2.51 -12.30
CA HIS C 96 -26.45 -3.64 -12.57
C HIS C 96 -25.61 -4.00 -11.34
N TYR C 97 -25.04 -2.99 -10.66
CA TYR C 97 -24.28 -3.26 -9.45
C TYR C 97 -25.14 -3.92 -8.40
N ARG C 98 -26.36 -3.43 -8.20
CA ARG C 98 -27.22 -4.04 -7.19
C ARG C 98 -27.56 -5.47 -7.55
N GLU C 99 -27.91 -5.72 -8.82
CA GLU C 99 -28.18 -7.09 -9.27
C GLU C 99 -26.98 -7.99 -9.03
N GLN C 100 -25.78 -7.51 -9.35
CA GLN C 100 -24.58 -8.32 -9.19
C GLN C 100 -24.29 -8.61 -7.73
N ILE C 101 -24.48 -7.62 -6.86
CA ILE C 101 -24.24 -7.83 -5.43
C ILE C 101 -25.23 -8.85 -4.88
N LYS C 102 -26.51 -8.71 -5.21
CA LYS C 102 -27.52 -9.65 -4.75
C LYS C 102 -27.25 -11.06 -5.25
N ARG C 103 -26.75 -11.17 -6.48
CA ARG C 103 -26.43 -12.48 -7.06
C ARG C 103 -25.30 -13.15 -6.30
N VAL C 104 -24.23 -12.40 -6.02
CA VAL C 104 -23.06 -12.97 -5.34
C VAL C 104 -23.39 -13.28 -3.89
N LYS C 105 -24.05 -12.35 -3.20
CA LYS C 105 -24.45 -12.55 -1.80
C LYS C 105 -25.62 -13.51 -1.67
N ASP C 106 -26.30 -13.82 -2.78
CA ASP C 106 -27.50 -14.66 -2.74
C ASP C 106 -28.49 -14.13 -1.70
N SER C 107 -28.76 -12.82 -1.78
CA SER C 107 -29.60 -12.18 -0.78
C SER C 107 -30.16 -10.88 -1.36
N GLU C 108 -31.35 -10.51 -0.89
CA GLU C 108 -31.95 -9.23 -1.22
C GLU C 108 -31.64 -8.16 -0.18
N ASP C 109 -30.93 -8.51 0.89
CA ASP C 109 -30.65 -7.60 1.99
C ASP C 109 -29.13 -7.54 2.15
N VAL C 110 -28.51 -6.59 1.46
CA VAL C 110 -27.06 -6.41 1.54
C VAL C 110 -26.78 -4.95 1.87
N PRO C 111 -25.91 -4.66 2.84
CA PRO C 111 -25.64 -3.26 3.18
C PRO C 111 -25.03 -2.51 1.99
N MET C 112 -25.70 -1.42 1.62
CA MET C 112 -25.21 -0.59 0.53
C MET C 112 -25.82 0.79 0.63
N VAL C 113 -25.11 1.75 0.07
CA VAL C 113 -25.51 3.14 0.04
C VAL C 113 -25.32 3.63 -1.38
N LEU C 114 -26.34 4.26 -1.93
CA LEU C 114 -26.25 4.87 -3.25
C LEU C 114 -25.71 6.28 -3.11
N VAL C 115 -24.68 6.60 -3.89
CA VAL C 115 -23.96 7.86 -3.79
C VAL C 115 -23.98 8.55 -5.15
N GLY C 116 -24.58 9.75 -5.18
CA GLY C 116 -24.51 10.59 -6.36
C GLY C 116 -23.41 11.62 -6.18
N ASN C 117 -22.25 11.37 -6.78
CA ASN C 117 -21.07 12.17 -6.56
C ASN C 117 -20.97 13.32 -7.57
N LYS C 118 -20.04 14.24 -7.32
CA LYS C 118 -19.82 15.42 -8.14
C LYS C 118 -20.97 16.41 -8.04
N CYS C 119 -21.64 16.45 -6.89
CA CYS C 119 -22.79 17.31 -6.74
C CYS C 119 -22.42 18.79 -6.72
N ASP C 120 -21.14 19.12 -6.71
CA ASP C 120 -20.70 20.50 -6.85
C ASP C 120 -20.83 21.01 -8.28
N LEU C 121 -20.98 20.11 -9.27
CA LEU C 121 -20.84 20.57 -10.64
C LEU C 121 -22.17 21.05 -11.21
N PRO C 122 -22.11 22.10 -12.02
CA PRO C 122 -23.33 22.71 -12.58
C PRO C 122 -23.74 22.06 -13.89
N SER C 123 -23.35 20.81 -14.09
CA SER C 123 -23.62 20.08 -15.32
C SER C 123 -24.49 18.86 -15.06
N ARG C 124 -25.34 18.93 -14.04
CA ARG C 124 -26.17 17.80 -13.64
C ARG C 124 -26.99 17.27 -14.80
N THR C 125 -27.03 15.93 -14.92
CA THR C 125 -27.92 15.24 -15.83
C THR C 125 -28.85 14.26 -15.12
N VAL C 126 -28.58 13.92 -13.86
CA VAL C 126 -29.39 12.98 -13.10
C VAL C 126 -30.07 13.77 -11.98
N ASP C 127 -31.40 13.81 -12.00
CA ASP C 127 -32.16 14.50 -10.97
C ASP C 127 -32.00 13.81 -9.63
N THR C 128 -31.87 14.60 -8.56
CA THR C 128 -31.86 14.06 -7.20
C THR C 128 -33.07 13.17 -6.94
N LYS C 129 -34.25 13.60 -7.40
CA LYS C 129 -35.45 12.81 -7.17
C LYS C 129 -35.37 11.43 -7.81
N GLN C 130 -34.81 11.33 -9.01
CA GLN C 130 -34.70 10.03 -9.66
C GLN C 130 -33.82 9.09 -8.84
N ALA C 131 -32.73 9.61 -8.28
CA ALA C 131 -31.87 8.75 -7.48
C ALA C 131 -32.49 8.43 -6.13
N GLN C 132 -33.15 9.40 -5.50
CA GLN C 132 -33.87 9.14 -4.25
C GLN C 132 -34.91 8.03 -4.45
N ASP C 133 -35.65 8.10 -5.55
CA ASP C 133 -36.71 7.13 -5.77
C ASP C 133 -36.15 5.75 -6.04
N LEU C 134 -35.02 5.68 -6.78
CA LEU C 134 -34.39 4.40 -7.01
C LEU C 134 -33.91 3.78 -5.69
N ALA C 135 -33.21 4.57 -4.87
CA ALA C 135 -32.75 4.04 -3.59
C ALA C 135 -33.92 3.63 -2.71
N ARG C 136 -35.00 4.43 -2.69
CA ARG C 136 -36.16 4.03 -1.92
C ARG C 136 -36.71 2.69 -2.40
N SER C 137 -36.70 2.46 -3.72
CA SER C 137 -37.20 1.20 -4.25
C SER C 137 -36.34 0.02 -3.80
N TYR C 138 -35.05 0.25 -3.58
CA TYR C 138 -34.14 -0.78 -3.10
C TYR C 138 -34.12 -0.89 -1.60
N GLY C 139 -34.72 0.08 -0.89
CA GLY C 139 -34.64 0.12 0.56
C GLY C 139 -33.27 0.48 1.10
N ILE C 140 -32.52 1.33 0.40
CA ILE C 140 -31.16 1.67 0.83
C ILE C 140 -31.05 3.19 0.91
N PRO C 141 -30.09 3.69 1.69
CA PRO C 141 -29.90 5.15 1.75
C PRO C 141 -29.31 5.69 0.46
N PHE C 142 -29.58 6.97 0.24
CA PHE C 142 -29.02 7.73 -0.87
C PHE C 142 -28.45 9.03 -0.34
N ILE C 143 -27.30 9.42 -0.86
CA ILE C 143 -26.70 10.69 -0.48
C ILE C 143 -25.96 11.26 -1.68
N GLU C 144 -26.03 12.57 -1.84
CA GLU C 144 -25.21 13.25 -2.83
C GLU C 144 -23.92 13.74 -2.16
N THR C 145 -22.82 13.63 -2.89
CA THR C 145 -21.51 13.93 -2.33
C THR C 145 -20.72 14.77 -3.31
N SER C 146 -19.71 15.45 -2.78
CA SER C 146 -18.67 16.05 -3.60
C SER C 146 -17.32 15.76 -2.96
N ALA C 147 -16.49 14.99 -3.65
CA ALA C 147 -15.13 14.80 -3.19
C ALA C 147 -14.35 16.10 -3.24
N LYS C 148 -14.82 17.06 -4.03
CA LYS C 148 -14.12 18.33 -4.14
C LYS C 148 -14.41 19.25 -2.95
N THR C 149 -15.69 19.43 -2.62
CA THR C 149 -16.07 20.32 -1.53
C THR C 149 -16.18 19.62 -0.18
N ARG C 150 -16.11 18.29 -0.16
CA ARG C 150 -16.29 17.42 1.00
C ARG C 150 -17.75 17.19 1.37
N GLN C 151 -18.71 17.85 0.70
CA GLN C 151 -20.11 17.65 1.02
C GLN C 151 -20.44 16.16 1.04
N GLY C 152 -20.95 15.69 2.16
CA GLY C 152 -21.48 14.35 2.29
C GLY C 152 -20.47 13.22 2.31
N VAL C 153 -19.17 13.50 2.27
CA VAL C 153 -18.20 12.42 2.13
C VAL C 153 -18.15 11.55 3.37
N ASP C 154 -17.90 12.16 4.53
CA ASP C 154 -17.92 11.37 5.77
C ASP C 154 -19.28 10.72 5.96
N ASP C 155 -20.36 11.47 5.70
CA ASP C 155 -21.69 10.93 5.94
C ASP C 155 -21.95 9.70 5.08
N ALA C 156 -21.48 9.70 3.83
CA ALA C 156 -21.71 8.54 2.96
C ALA C 156 -21.07 7.29 3.54
N PHE C 157 -19.80 7.39 3.94
CA PHE C 157 -19.12 6.22 4.50
C PHE C 157 -19.68 5.84 5.85
N TYR C 158 -19.99 6.84 6.70
CA TYR C 158 -20.53 6.54 8.02
C TYR C 158 -21.93 5.92 7.92
N THR C 159 -22.74 6.41 6.99
CA THR C 159 -24.04 5.78 6.74
C THR C 159 -23.87 4.32 6.36
N LEU C 160 -22.86 4.00 5.53
CA LEU C 160 -22.63 2.62 5.16
C LEU C 160 -22.26 1.76 6.37
N VAL C 161 -21.39 2.29 7.24
CA VAL C 161 -21.09 1.58 8.49
C VAL C 161 -22.37 1.34 9.29
N ARG C 162 -23.23 2.37 9.40
CA ARG C 162 -24.47 2.20 10.13
C ARG C 162 -25.36 1.13 9.49
N GLU C 163 -25.35 1.05 8.16
CA GLU C 163 -26.12 0.02 7.48
C GLU C 163 -25.58 -1.38 7.79
N ILE C 164 -24.26 -1.51 7.89
CA ILE C 164 -23.65 -2.79 8.24
C ILE C 164 -24.04 -3.18 9.66
N ARG C 165 -23.93 -2.24 10.60
N ARG C 165 -23.91 -2.24 10.60
CA ARG C 165 -24.31 -2.51 11.99
CA ARG C 165 -24.32 -2.51 11.98
C ARG C 165 -25.76 -2.97 12.07
C ARG C 165 -25.75 -2.98 12.05
N LYS C 166 -26.66 -2.24 11.40
CA LYS C 166 -28.08 -2.61 11.43
C LYS C 166 -28.29 -4.01 10.88
N HIS C 167 -27.62 -4.33 9.78
CA HIS C 167 -27.77 -5.64 9.16
C HIS C 167 -27.27 -6.75 10.08
N LYS C 168 -26.09 -6.56 10.67
N LYS C 168 -26.09 -6.56 10.67
CA LYS C 168 -25.49 -7.63 11.46
CA LYS C 168 -25.49 -7.63 11.46
C LYS C 168 -26.16 -7.79 12.82
C LYS C 168 -26.16 -7.79 12.82
N GLU C 169 -26.76 -6.73 13.35
CA GLU C 169 -27.26 -6.77 14.72
C GLU C 169 -28.66 -7.39 14.83
N LYS C 170 -29.56 -7.06 13.91
CA LYS C 170 -30.91 -7.61 14.02
C LYS C 170 -31.39 -8.22 12.71
N ASN D 4 8.29 -5.78 -43.11
CA ASN D 4 7.81 -5.23 -41.85
C ASN D 4 8.88 -4.39 -41.18
N PRO D 5 8.53 -3.17 -40.77
CA PRO D 5 9.50 -2.30 -40.11
C PRO D 5 9.87 -2.84 -38.73
N THR D 6 11.07 -2.47 -38.30
N THR D 6 11.07 -2.50 -38.31
CA THR D 6 11.57 -2.76 -36.97
CA THR D 6 11.51 -2.77 -36.94
C THR D 6 11.85 -1.45 -36.26
C THR D 6 11.84 -1.45 -36.27
N VAL D 7 11.41 -1.33 -35.01
CA VAL D 7 11.69 -0.14 -34.20
C VAL D 7 12.32 -0.59 -32.89
N PHE D 8 13.00 0.35 -32.24
CA PHE D 8 13.65 0.06 -30.97
C PHE D 8 13.23 1.07 -29.91
N PHE D 9 13.18 0.61 -28.67
CA PHE D 9 13.11 1.45 -27.49
C PHE D 9 14.36 1.17 -26.66
N ASP D 10 15.06 2.22 -26.27
CA ASP D 10 16.07 2.13 -25.23
C ASP D 10 15.39 2.48 -23.91
N ILE D 11 15.25 1.49 -23.04
CA ILE D 11 14.52 1.61 -21.79
C ILE D 11 15.47 2.09 -20.71
N ALA D 12 15.01 3.01 -19.88
CA ALA D 12 15.77 3.51 -18.74
C ALA D 12 15.00 3.36 -17.45
N VAL D 13 15.74 3.26 -16.34
CA VAL D 13 15.21 3.12 -14.99
C VAL D 13 15.73 4.34 -14.24
N ASP D 14 14.83 5.26 -13.88
CA ASP D 14 15.24 6.53 -13.28
C ASP D 14 16.36 7.18 -14.08
N GLY D 15 16.27 7.07 -15.42
CA GLY D 15 17.22 7.66 -16.33
C GLY D 15 18.44 6.82 -16.64
N GLU D 16 18.66 5.72 -15.91
CA GLU D 16 19.83 4.90 -16.19
C GLU D 16 19.47 3.81 -17.20
N PRO D 17 20.29 3.59 -18.21
CA PRO D 17 19.93 2.60 -19.23
C PRO D 17 19.73 1.22 -18.62
N LEU D 18 18.63 0.59 -18.99
CA LEU D 18 18.34 -0.80 -18.69
C LEU D 18 18.74 -1.70 -19.84
N GLY D 19 18.24 -1.41 -21.03
CA GLY D 19 18.54 -2.20 -22.21
C GLY D 19 17.60 -1.82 -23.34
N ARG D 20 17.81 -2.48 -24.47
CA ARG D 20 17.05 -2.20 -25.69
C ARG D 20 16.00 -3.28 -25.93
N VAL D 21 14.81 -2.86 -26.34
CA VAL D 21 13.79 -3.75 -26.85
C VAL D 21 13.52 -3.36 -28.29
N SER D 22 13.56 -4.33 -29.19
CA SER D 22 13.16 -4.08 -30.56
C SER D 22 11.85 -4.79 -30.87
N PHE D 23 11.12 -4.25 -31.85
CA PHE D 23 9.81 -4.76 -32.21
C PHE D 23 9.71 -4.91 -33.72
N GLU D 24 9.14 -6.03 -34.16
CA GLU D 24 8.66 -6.14 -35.53
C GLU D 24 7.23 -5.59 -35.55
N LEU D 25 6.95 -4.69 -36.47
CA LEU D 25 5.61 -4.14 -36.61
C LEU D 25 4.95 -4.77 -37.82
N PHE D 26 3.75 -5.34 -37.62
CA PHE D 26 3.09 -6.15 -38.65
C PHE D 26 2.39 -5.27 -39.68
N ALA D 27 3.19 -4.49 -40.40
CA ALA D 27 2.66 -3.66 -41.48
C ALA D 27 1.95 -4.50 -42.53
N ASP D 28 2.36 -5.76 -42.69
CA ASP D 28 1.75 -6.63 -43.69
C ASP D 28 0.30 -6.96 -43.37
N LYS D 29 -0.08 -7.00 -42.10
CA LYS D 29 -1.44 -7.37 -41.70
C LYS D 29 -2.21 -6.22 -41.06
N VAL D 30 -1.52 -5.28 -40.42
CA VAL D 30 -2.18 -4.20 -39.68
C VAL D 30 -1.50 -2.89 -40.07
N PRO D 31 -1.57 -2.46 -41.33
CA PRO D 31 -0.70 -1.36 -41.79
C PRO D 31 -0.94 -0.02 -41.09
N LYS D 32 -2.20 0.37 -40.90
CA LYS D 32 -2.45 1.69 -40.33
C LYS D 32 -1.97 1.74 -38.89
N THR D 33 -2.20 0.67 -38.13
CA THR D 33 -1.79 0.64 -36.73
C THR D 33 -0.27 0.52 -36.61
N ALA D 34 0.35 -0.30 -37.47
CA ALA D 34 1.80 -0.39 -37.47
C ALA D 34 2.44 0.96 -37.83
N GLU D 35 1.87 1.66 -38.81
CA GLU D 35 2.46 2.93 -39.24
C GLU D 35 2.39 3.98 -38.13
N ASN D 36 1.28 4.03 -37.40
CA ASN D 36 1.18 4.92 -36.25
C ASN D 36 2.30 4.68 -35.26
N PHE D 37 2.51 3.41 -34.87
CA PHE D 37 3.54 3.10 -33.90
C PHE D 37 4.93 3.40 -34.44
N ARG D 38 5.15 3.09 -35.73
CA ARG D 38 6.44 3.41 -36.35
C ARG D 38 6.72 4.90 -36.27
N ALA D 39 5.78 5.72 -36.72
CA ALA D 39 5.99 7.16 -36.77
C ALA D 39 6.13 7.74 -35.37
N LEU D 40 5.36 7.24 -34.41
CA LEU D 40 5.52 7.70 -33.03
C LEU D 40 6.88 7.31 -32.46
N SER D 41 7.45 6.19 -32.94
CA SER D 41 8.77 5.76 -32.48
C SER D 41 9.89 6.59 -33.08
N THR D 42 9.73 7.10 -34.30
CA THR D 42 10.76 7.96 -34.86
C THR D 42 10.59 9.41 -34.43
N GLY D 43 9.39 9.79 -33.99
CA GLY D 43 9.08 11.18 -33.71
C GLY D 43 8.98 12.07 -34.92
N GLU D 44 8.88 11.50 -36.12
CA GLU D 44 8.96 12.29 -37.34
C GLU D 44 7.80 13.27 -37.52
N LYS D 45 6.68 13.08 -36.82
CA LYS D 45 5.58 14.02 -36.89
C LYS D 45 5.74 15.19 -35.92
N GLY D 46 6.80 15.19 -35.11
CA GLY D 46 6.99 16.22 -34.12
C GLY D 46 6.57 15.85 -32.71
N PHE D 47 6.12 14.62 -32.51
CA PHE D 47 5.71 14.12 -31.21
C PHE D 47 5.88 12.60 -31.23
N GLY D 48 5.86 11.98 -30.06
CA GLY D 48 5.92 10.53 -30.03
C GLY D 48 6.43 10.02 -28.70
N TYR D 49 6.94 8.79 -28.74
CA TYR D 49 7.19 8.03 -27.52
C TYR D 49 8.42 8.48 -26.75
N LYS D 50 9.37 9.14 -27.39
CA LYS D 50 10.63 9.43 -26.72
C LYS D 50 10.39 10.27 -25.47
N GLY D 51 10.88 9.76 -24.33
CA GLY D 51 10.73 10.39 -23.05
C GLY D 51 9.54 9.90 -22.24
N SER D 52 8.59 9.21 -22.87
CA SER D 52 7.39 8.78 -22.18
C SER D 52 7.68 7.56 -21.31
N CYS D 53 6.72 7.23 -20.46
CA CYS D 53 6.88 6.30 -19.36
CA CYS D 53 7.01 6.21 -19.48
C CYS D 53 6.04 5.04 -19.58
N PHE D 54 6.53 3.90 -19.08
CA PHE D 54 5.70 2.71 -18.91
C PHE D 54 5.06 2.89 -17.54
N HIS D 55 3.87 3.49 -17.53
CA HIS D 55 3.26 3.92 -16.28
C HIS D 55 2.58 2.77 -15.54
N ARG D 56 2.23 1.69 -16.23
CA ARG D 56 1.46 0.61 -15.63
C ARG D 56 2.11 -0.71 -16.02
N ILE D 57 2.70 -1.39 -15.03
CA ILE D 57 3.35 -2.68 -15.25
C ILE D 57 2.79 -3.64 -14.22
N ILE D 58 2.12 -4.69 -14.68
CA ILE D 58 1.50 -5.65 -13.77
C ILE D 58 2.11 -7.02 -14.03
N PRO D 59 2.93 -7.53 -13.11
CA PRO D 59 3.59 -8.82 -13.33
C PRO D 59 2.58 -9.93 -13.60
N GLY D 60 2.92 -10.77 -14.56
CA GLY D 60 2.02 -11.80 -15.03
C GLY D 60 1.15 -11.39 -16.20
N PHE D 61 1.13 -10.10 -16.55
CA PHE D 61 0.20 -9.61 -17.56
C PHE D 61 0.86 -8.76 -18.64
N MET D 62 1.33 -7.56 -18.31
CA MET D 62 1.80 -6.68 -19.39
C MET D 62 2.57 -5.50 -18.83
N CYS D 63 3.28 -4.83 -19.74
CA CYS D 63 3.88 -3.53 -19.52
C CYS D 63 3.17 -2.54 -20.45
N GLN D 64 2.55 -1.51 -19.88
CA GLN D 64 1.77 -0.55 -20.64
C GLN D 64 2.42 0.83 -20.56
N GLY D 65 2.44 1.53 -21.68
CA GLY D 65 3.03 2.86 -21.70
C GLY D 65 2.48 3.66 -22.85
N GLY D 66 3.13 4.79 -23.12
CA GLY D 66 2.88 5.56 -24.32
C GLY D 66 2.10 6.85 -24.15
N ASP D 67 1.85 7.31 -22.93
CA ASP D 67 1.14 8.59 -22.72
C ASP D 67 2.15 9.74 -22.76
N PHE D 68 2.38 10.26 -23.96
CA PHE D 68 3.29 11.38 -24.12
C PHE D 68 2.59 12.74 -24.13
N THR D 69 1.26 12.78 -24.00
CA THR D 69 0.56 14.07 -23.98
C THR D 69 0.20 14.54 -22.58
N ARG D 70 -0.24 13.65 -21.70
CA ARG D 70 -0.62 14.02 -20.35
C ARG D 70 0.33 13.47 -19.29
N HIS D 71 1.16 12.49 -19.63
CA HIS D 71 2.19 11.98 -18.73
C HIS D 71 1.59 11.40 -17.45
N ASN D 72 0.34 10.94 -17.51
CA ASN D 72 -0.31 10.44 -16.31
C ASN D 72 -1.14 9.18 -16.53
N GLY D 73 -1.06 8.56 -17.71
CA GLY D 73 -1.81 7.36 -18.00
C GLY D 73 -3.15 7.56 -18.64
N THR D 74 -3.56 8.82 -18.87
CA THR D 74 -4.87 9.10 -19.45
C THR D 74 -4.80 9.57 -20.88
N GLY D 75 -3.62 9.94 -21.37
CA GLY D 75 -3.50 10.62 -22.63
C GLY D 75 -2.88 9.80 -23.75
N GLY D 76 -2.19 10.49 -24.63
CA GLY D 76 -1.71 9.96 -25.88
C GLY D 76 -2.52 10.45 -27.06
N LYS D 77 -1.91 10.38 -28.24
CA LYS D 77 -2.59 10.70 -29.49
C LYS D 77 -1.91 9.94 -30.61
N SER D 78 -2.63 9.75 -31.71
CA SER D 78 -2.10 9.06 -32.87
C SER D 78 -1.61 10.08 -33.90
N ILE D 79 -1.00 9.54 -34.96
CA ILE D 79 -0.63 10.40 -36.09
C ILE D 79 -1.81 10.77 -36.96
N TYR D 80 -3.00 10.22 -36.69
CA TYR D 80 -4.20 10.47 -37.50
C TYR D 80 -5.16 11.43 -36.84
N GLY D 81 -4.83 11.94 -35.66
CA GLY D 81 -5.75 12.64 -34.81
C GLY D 81 -5.68 12.05 -33.42
N GLU D 82 -6.58 12.48 -32.55
CA GLU D 82 -6.50 12.01 -31.18
C GLU D 82 -6.71 10.50 -31.11
N LYS D 83 -7.62 9.97 -31.91
CA LYS D 83 -7.98 8.57 -31.85
C LYS D 83 -8.19 8.02 -33.25
N PHE D 84 -8.03 6.71 -33.39
CA PHE D 84 -8.36 6.07 -34.66
C PHE D 84 -9.02 4.72 -34.40
N GLU D 85 -9.71 4.24 -35.43
CA GLU D 85 -10.58 3.08 -35.26
C GLU D 85 -9.76 1.80 -35.15
N ASP D 86 -10.40 0.77 -34.59
CA ASP D 86 -9.80 -0.55 -34.54
C ASP D 86 -9.68 -1.09 -35.95
N GLU D 87 -8.46 -1.37 -36.39
CA GLU D 87 -8.21 -1.67 -37.79
C GLU D 87 -8.69 -3.06 -38.16
N ASN D 88 -8.28 -4.06 -37.38
CA ASN D 88 -8.77 -5.43 -37.52
C ASN D 88 -8.39 -6.16 -36.25
N PHE D 89 -8.91 -7.37 -36.09
CA PHE D 89 -8.56 -8.24 -34.97
C PHE D 89 -8.00 -9.56 -35.48
N ILE D 90 -7.22 -9.51 -36.56
CA ILE D 90 -6.66 -10.74 -37.13
C ILE D 90 -5.78 -11.46 -36.12
N LEU D 91 -4.90 -10.72 -35.47
CA LEU D 91 -3.89 -11.31 -34.61
C LEU D 91 -4.31 -11.27 -33.16
N LYS D 92 -3.76 -12.20 -32.39
CA LYS D 92 -4.23 -12.44 -31.04
C LYS D 92 -3.10 -12.26 -30.04
N HIS D 93 -3.49 -12.16 -28.76
CA HIS D 93 -2.57 -11.94 -27.65
C HIS D 93 -2.05 -13.30 -27.20
N THR D 94 -1.14 -13.85 -28.00
CA THR D 94 -0.83 -15.27 -27.95
C THR D 94 0.17 -15.64 -26.87
N GLY D 95 0.95 -14.69 -26.37
CA GLY D 95 2.01 -15.01 -25.44
C GLY D 95 2.93 -13.84 -25.20
N PRO D 96 4.02 -14.09 -24.48
CA PRO D 96 4.94 -13.00 -24.12
C PRO D 96 5.51 -12.32 -25.36
N GLY D 97 5.58 -11.00 -25.32
CA GLY D 97 6.17 -10.21 -26.38
C GLY D 97 5.19 -9.60 -27.36
N ILE D 98 3.92 -10.00 -27.33
CA ILE D 98 2.95 -9.44 -28.27
C ILE D 98 2.74 -7.96 -27.96
N LEU D 99 2.72 -7.15 -29.01
CA LEU D 99 2.56 -5.71 -28.89
C LEU D 99 1.17 -5.33 -29.38
N SER D 100 0.41 -4.61 -28.55
CA SER D 100 -1.01 -4.39 -28.81
C SER D 100 -1.41 -3.00 -28.34
N MET D 101 -2.50 -2.47 -28.90
CA MET D 101 -2.94 -1.12 -28.55
C MET D 101 -3.77 -1.12 -27.28
N ALA D 102 -3.43 -0.23 -26.35
CA ALA D 102 -4.34 0.08 -25.25
C ALA D 102 -5.49 0.92 -25.78
N ASN D 103 -6.61 0.93 -25.05
CA ASN D 103 -7.74 1.73 -25.51
C ASN D 103 -8.72 1.95 -24.37
N ALA D 104 -9.73 2.76 -24.63
CA ALA D 104 -10.79 3.05 -23.67
C ALA D 104 -12.14 2.51 -24.16
N GLY D 105 -12.12 1.44 -24.94
CA GLY D 105 -13.32 0.95 -25.58
C GLY D 105 -13.13 0.95 -27.09
N PRO D 106 -14.20 0.63 -27.83
CA PRO D 106 -14.07 0.52 -29.28
C PRO D 106 -13.57 1.80 -29.95
N ASN D 107 -12.63 1.62 -30.88
CA ASN D 107 -12.21 2.70 -31.77
C ASN D 107 -11.64 3.89 -31.01
N THR D 108 -10.81 3.61 -30.00
CA THR D 108 -10.16 4.65 -29.20
C THR D 108 -8.65 4.48 -29.15
N ASN D 109 -8.04 3.98 -30.23
CA ASN D 109 -6.59 3.87 -30.28
C ASN D 109 -5.98 5.24 -30.41
N GLY D 110 -4.94 5.49 -29.62
CA GLY D 110 -4.19 6.73 -29.74
C GLY D 110 -2.72 6.43 -29.86
N SER D 111 -2.01 6.54 -28.74
CA SER D 111 -0.63 6.10 -28.69
C SER D 111 -0.35 5.04 -27.63
N GLN D 112 -1.17 4.92 -26.61
CA GLN D 112 -0.85 3.97 -25.55
C GLN D 112 -0.91 2.54 -26.08
N PHE D 113 -0.01 1.72 -25.59
CA PHE D 113 0.18 0.36 -26.09
C PHE D 113 0.59 -0.48 -24.90
N PHE D 114 0.61 -1.80 -25.09
CA PHE D 114 1.14 -2.67 -24.06
C PHE D 114 1.89 -3.83 -24.68
N ILE D 115 2.85 -4.34 -23.91
CA ILE D 115 3.62 -5.52 -24.28
C ILE D 115 3.17 -6.63 -23.35
N CYS D 116 2.62 -7.70 -23.92
CA CYS D 116 2.21 -8.83 -23.10
C CYS D 116 3.42 -9.51 -22.50
N THR D 117 3.31 -9.90 -21.24
CA THR D 117 4.32 -10.77 -20.64
C THR D 117 3.79 -12.18 -20.46
N ALA D 118 2.57 -12.43 -20.90
CA ALA D 118 1.90 -13.73 -20.86
C ALA D 118 0.79 -13.67 -21.89
N LYS D 119 0.24 -14.84 -22.22
N LYS D 119 0.24 -14.83 -22.22
CA LYS D 119 -0.97 -14.90 -23.03
CA LYS D 119 -0.96 -14.89 -23.03
C LYS D 119 -2.11 -14.17 -22.32
C LYS D 119 -2.09 -14.17 -22.32
N THR D 120 -2.79 -13.29 -23.05
CA THR D 120 -3.92 -12.52 -22.50
C THR D 120 -5.11 -12.65 -23.46
N GLU D 121 -5.64 -13.87 -23.56
CA GLU D 121 -6.61 -14.18 -24.61
C GLU D 121 -7.93 -13.42 -24.45
N TRP D 122 -8.28 -13.00 -23.23
CA TRP D 122 -9.51 -12.26 -23.02
C TRP D 122 -9.48 -10.88 -23.68
N LEU D 123 -8.31 -10.41 -24.11
CA LEU D 123 -8.21 -9.16 -24.85
C LEU D 123 -8.39 -9.36 -26.35
N ASP D 124 -8.41 -10.60 -26.83
CA ASP D 124 -8.58 -10.86 -28.25
C ASP D 124 -9.91 -10.30 -28.73
N GLY D 125 -9.89 -9.61 -29.87
CA GLY D 125 -11.08 -9.01 -30.41
C GLY D 125 -11.45 -7.68 -29.79
N LYS D 126 -10.69 -7.22 -28.79
CA LYS D 126 -10.92 -5.93 -28.14
C LYS D 126 -9.75 -4.98 -28.27
N HIS D 127 -8.55 -5.50 -28.42
CA HIS D 127 -7.34 -4.70 -28.59
C HIS D 127 -6.64 -5.16 -29.86
N VAL D 128 -6.20 -4.20 -30.65
CA VAL D 128 -5.59 -4.49 -31.96
C VAL D 128 -4.12 -4.86 -31.74
N VAL D 129 -3.80 -6.11 -32.01
CA VAL D 129 -2.42 -6.60 -32.01
C VAL D 129 -1.76 -6.18 -33.31
N PHE D 130 -0.55 -5.63 -33.23
CA PHE D 130 0.09 -5.08 -34.42
C PHE D 130 1.59 -5.31 -34.46
N GLY D 131 2.17 -6.02 -33.50
CA GLY D 131 3.61 -6.24 -33.54
C GLY D 131 4.03 -7.22 -32.47
N LYS D 132 5.34 -7.41 -32.37
CA LYS D 132 5.86 -8.29 -31.34
C LYS D 132 7.29 -7.91 -31.02
N VAL D 133 7.71 -8.22 -29.81
CA VAL D 133 9.11 -8.07 -29.44
C VAL D 133 9.96 -8.95 -30.36
N LYS D 134 11.03 -8.37 -30.90
CA LYS D 134 11.99 -9.11 -31.70
C LYS D 134 13.13 -9.50 -30.77
N GLU D 135 13.98 -8.55 -30.42
CA GLU D 135 15.03 -8.79 -29.45
C GLU D 135 14.73 -8.01 -28.17
N GLY D 136 15.21 -8.55 -27.06
CA GLY D 136 15.07 -7.88 -25.79
C GLY D 136 13.94 -8.35 -24.89
N MET D 137 13.40 -9.54 -25.10
CA MET D 137 12.41 -10.05 -24.16
C MET D 137 12.98 -10.10 -22.74
N ASN D 138 14.29 -10.35 -22.60
CA ASN D 138 14.89 -10.30 -21.26
C ASN D 138 14.82 -8.91 -20.67
N ILE D 139 14.86 -7.86 -21.50
CA ILE D 139 14.68 -6.50 -21.00
C ILE D 139 13.24 -6.27 -20.58
N VAL D 140 12.29 -6.81 -21.35
CA VAL D 140 10.88 -6.73 -20.95
C VAL D 140 10.65 -7.46 -19.62
N GLU D 141 11.30 -8.61 -19.43
CA GLU D 141 11.18 -9.34 -18.18
C GLU D 141 11.74 -8.53 -17.03
N ALA D 142 12.79 -7.76 -17.27
CA ALA D 142 13.33 -6.87 -16.25
C ALA D 142 12.34 -5.77 -15.92
N MET D 143 11.77 -5.13 -16.95
CA MET D 143 10.75 -4.12 -16.73
C MET D 143 9.62 -4.66 -15.87
N GLU D 144 9.19 -5.90 -16.16
CA GLU D 144 8.10 -6.52 -15.43
C GLU D 144 8.39 -6.58 -13.93
N ARG D 145 9.65 -6.81 -13.56
CA ARG D 145 9.99 -6.90 -12.14
C ARG D 145 9.83 -5.58 -11.40
N PHE D 146 9.78 -4.45 -12.12
CA PHE D 146 9.52 -3.18 -11.47
C PHE D 146 8.04 -2.94 -11.22
N GLY D 147 7.16 -3.79 -11.74
CA GLY D 147 5.74 -3.58 -11.60
C GLY D 147 5.21 -4.09 -10.27
N SER D 148 3.89 -4.00 -10.15
CA SER D 148 3.21 -4.47 -8.95
C SER D 148 1.77 -4.76 -9.33
N ARG D 149 1.05 -5.34 -8.38
CA ARG D 149 -0.31 -5.80 -8.64
C ARG D 149 -1.23 -4.67 -9.11
N ASN D 150 -1.04 -3.45 -8.60
CA ASN D 150 -1.85 -2.31 -9.03
C ASN D 150 -1.22 -1.50 -10.16
N GLY D 151 -0.11 -1.98 -10.72
CA GLY D 151 0.51 -1.36 -11.85
C GLY D 151 1.55 -0.32 -11.55
N LYS D 152 1.61 0.18 -10.32
CA LYS D 152 2.61 1.19 -9.98
C LYS D 152 4.00 0.56 -10.03
N THR D 153 4.96 1.30 -10.55
CA THR D 153 6.32 0.80 -10.69
C THR D 153 7.20 1.32 -9.56
N SER D 154 8.16 0.48 -9.15
CA SER D 154 9.01 0.80 -8.00
C SER D 154 10.08 1.81 -8.35
N LYS D 155 10.45 1.91 -9.62
CA LYS D 155 11.23 3.00 -10.15
C LYS D 155 10.60 3.44 -11.46
N LYS D 156 10.99 4.61 -11.94
CA LYS D 156 10.36 5.14 -13.14
C LYS D 156 10.97 4.54 -14.40
N ILE D 157 10.14 3.89 -15.20
CA ILE D 157 10.57 3.17 -16.40
C ILE D 157 10.20 4.01 -17.61
N THR D 158 11.18 4.42 -18.40
CA THR D 158 10.92 5.31 -19.52
C THR D 158 11.53 4.79 -20.81
N ILE D 159 11.02 5.34 -21.90
CA ILE D 159 11.59 5.18 -23.24
C ILE D 159 12.57 6.35 -23.40
N ALA D 160 13.82 6.11 -23.03
CA ALA D 160 14.81 7.19 -23.07
C ALA D 160 15.14 7.56 -24.52
N ASP D 161 15.15 6.58 -25.42
CA ASP D 161 15.36 6.84 -26.83
C ASP D 161 14.54 5.81 -27.59
N CYS D 162 14.25 6.13 -28.86
CA CYS D 162 13.49 5.22 -29.71
C CYS D 162 13.65 5.68 -31.15
N GLY D 163 13.42 4.74 -32.06
CA GLY D 163 13.58 5.03 -33.46
C GLY D 163 13.37 3.80 -34.29
N GLN D 164 13.67 3.93 -35.58
CA GLN D 164 13.47 2.85 -36.54
C GLN D 164 14.82 2.28 -36.94
N LEU D 165 14.89 0.95 -37.03
CA LEU D 165 16.09 0.26 -37.48
C LEU D 165 15.97 -0.05 -38.97
N GLU D 166 17.12 -0.10 -39.65
CA GLU D 166 17.13 -0.35 -41.08
C GLU D 166 16.43 -1.64 -41.46
#